data_7TA6
#
_entry.id   7TA6
#
_cell.length_a   143.774
_cell.length_b   143.552
_cell.length_c   76.888
_cell.angle_alpha   90.000
_cell.angle_beta   97.850
_cell.angle_gamma   90.000
#
_symmetry.space_group_name_H-M   'C 1 2 1'
#
loop_
_entity.id
_entity.type
_entity.pdbx_description
1 polymer 'Tumor necrosis factor'
2 polymer Alpha/Beta-peptide-1
3 non-polymer 1,2-ETHANEDIOL
4 non-polymer 'POTASSIUM ION'
5 non-polymer 'AMINO GROUP'
6 water water
#
loop_
_entity_poly.entity_id
_entity_poly.type
_entity_poly.pdbx_seq_one_letter_code
_entity_poly.pdbx_strand_id
1 'polypeptide(L)'
;SVRSSSRTPSDKPVAHVVANPQAEGQLQWLNRRANALLANGVELRDNQLVVPSEGLYLIYSQVLFKGQGCPSTHVLLTHT
ISRIAVSYQTKVNLLSAIKSPCQRETPEGAEAKPWYEPIYLGGVFQLEKGDRLSAEINRPDYLDFAESGQVYFGIIAL
;
A,B,C,D,E,F,G,H
2 'polypeptide(L)' (XCP)LGWCIGE(AIB)GTDPNLNH(AIB)QFR(AIB)KIL(XPC)CW(XCP) I,J,K,L,M,N,O,P
#
# COMPACT_ATOMS: atom_id res chain seq x y z
N THR A 8 16.46 -13.19 -31.25
CA THR A 8 16.11 -11.94 -31.92
C THR A 8 14.58 -11.71 -31.86
N PRO A 9 14.15 -10.49 -31.52
CA PRO A 9 12.71 -10.24 -31.45
C PRO A 9 11.98 -10.54 -32.74
N SER A 10 12.62 -10.33 -33.88
CA SER A 10 12.01 -10.67 -35.16
C SER A 10 11.60 -12.13 -35.21
N ASP A 11 12.37 -13.01 -34.56
CA ASP A 11 12.08 -14.44 -34.59
C ASP A 11 11.03 -14.86 -33.57
N LYS A 12 10.88 -14.11 -32.48
CA LYS A 12 9.94 -14.51 -31.44
C LYS A 12 8.51 -14.27 -31.92
N PRO A 13 7.64 -15.28 -31.94
CA PRO A 13 6.30 -15.08 -32.47
C PRO A 13 5.51 -14.04 -31.69
N VAL A 14 4.46 -13.53 -32.34
CA VAL A 14 3.55 -12.55 -31.76
C VAL A 14 2.20 -12.71 -32.44
N ALA A 15 1.12 -12.50 -31.68
CA ALA A 15 -0.22 -12.49 -32.25
C ALA A 15 -1.11 -11.57 -31.43
N HIS A 16 -1.87 -10.72 -32.12
CA HIS A 16 -2.85 -9.86 -31.49
C HIS A 16 -4.11 -9.86 -32.35
N VAL A 17 -5.14 -10.56 -31.89
CA VAL A 17 -6.41 -10.62 -32.58
C VAL A 17 -7.42 -9.77 -31.80
N VAL A 18 -8.46 -9.36 -32.51
CA VAL A 18 -9.46 -8.44 -31.96
C VAL A 18 -10.85 -8.99 -32.29
N ALA A 19 -11.79 -8.79 -31.38
CA ALA A 19 -13.14 -9.28 -31.58
C ALA A 19 -13.78 -8.66 -32.81
N ASN A 20 -14.50 -9.47 -33.57
CA ASN A 20 -15.22 -8.97 -34.74
C ASN A 20 -16.54 -8.35 -34.31
N PRO A 21 -16.79 -7.07 -34.59
CA PRO A 21 -18.02 -6.44 -34.09
C PRO A 21 -19.26 -6.86 -34.87
N GLN A 22 -19.09 -7.22 -36.15
CA GLN A 22 -20.21 -7.64 -36.97
C GLN A 22 -20.70 -9.05 -36.66
N ALA A 23 -20.03 -9.77 -35.76
CA ALA A 23 -20.45 -11.11 -35.36
C ALA A 23 -21.29 -11.05 -34.08
N GLU A 24 -22.45 -10.41 -34.21
CA GLU A 24 -23.33 -10.22 -33.06
C GLU A 24 -23.68 -11.56 -32.42
N GLY A 25 -23.75 -11.56 -31.09
CA GLY A 25 -24.15 -12.72 -30.34
C GLY A 25 -23.04 -13.67 -29.97
N GLN A 26 -21.80 -13.42 -30.42
CA GLN A 26 -20.68 -14.28 -30.09
C GLN A 26 -19.41 -13.44 -30.06
N LEU A 27 -18.33 -14.08 -29.63
CA LEU A 27 -17.01 -13.46 -29.52
C LEU A 27 -16.07 -14.20 -30.46
N GLN A 28 -16.03 -13.78 -31.73
CA GLN A 28 -15.13 -14.34 -32.71
C GLN A 28 -13.91 -13.45 -32.85
N TRP A 29 -12.74 -14.07 -32.94
CA TRP A 29 -11.49 -13.35 -33.06
C TRP A 29 -11.11 -13.20 -34.53
N LEU A 30 -10.50 -12.05 -34.85
CA LEU A 30 -10.07 -11.74 -36.20
C LEU A 30 -8.74 -11.01 -36.14
N ASN A 31 -7.85 -11.33 -37.09
CA ASN A 31 -6.49 -10.81 -37.08
C ASN A 31 -6.39 -9.36 -37.50
N ARG A 32 -7.48 -8.77 -38.00
CA ARG A 32 -7.45 -7.39 -38.48
C ARG A 32 -6.45 -7.20 -39.61
N ARG A 33 -6.21 -8.27 -40.38
CA ARG A 33 -5.27 -8.24 -41.49
C ARG A 33 -3.90 -7.71 -41.03
N ALA A 34 -3.42 -8.26 -39.92
CA ALA A 34 -2.18 -7.80 -39.30
C ALA A 34 -1.01 -8.46 -40.02
N ASN A 35 -0.55 -7.82 -41.09
CA ASN A 35 0.66 -8.23 -41.79
C ASN A 35 1.92 -7.67 -41.13
N ALA A 36 1.78 -6.84 -40.09
CA ALA A 36 2.93 -6.35 -39.35
C ALA A 36 3.28 -7.26 -38.18
N LEU A 37 2.29 -7.87 -37.55
CA LEU A 37 2.52 -8.81 -36.44
C LEU A 37 3.16 -10.08 -37.00
N LEU A 38 4.49 -10.15 -36.93
CA LEU A 38 5.25 -11.24 -37.54
C LEU A 38 5.00 -12.53 -36.75
N ALA A 39 3.84 -13.13 -37.00
CA ALA A 39 3.52 -14.43 -36.44
C ALA A 39 4.49 -15.47 -36.97
N ASN A 40 5.41 -15.93 -36.11
CA ASN A 40 6.36 -16.96 -36.49
C ASN A 40 5.84 -18.34 -36.06
N GLY A 41 4.69 -18.69 -36.62
CA GLY A 41 4.06 -19.99 -36.41
C GLY A 41 2.68 -19.91 -35.77
N VAL A 42 2.43 -18.88 -34.97
CA VAL A 42 1.16 -18.78 -34.26
C VAL A 42 0.03 -18.61 -35.27
N GLU A 43 -1.01 -19.42 -35.12
CA GLU A 43 -2.15 -19.43 -36.03
C GLU A 43 -3.44 -19.31 -35.23
N LEU A 44 -4.49 -18.83 -35.90
CA LEU A 44 -5.81 -18.66 -35.32
C LEU A 44 -6.75 -19.69 -35.96
N ARG A 45 -6.97 -20.81 -35.27
CA ARG A 45 -7.79 -21.90 -35.77
C ARG A 45 -8.93 -22.15 -34.80
N ASP A 46 -10.16 -22.22 -35.34
CA ASP A 46 -11.35 -22.50 -34.54
C ASP A 46 -11.48 -21.52 -33.37
N ASN A 47 -11.27 -20.24 -33.67
CA ASN A 47 -11.34 -19.17 -32.66
C ASN A 47 -10.31 -19.35 -31.57
N GLN A 48 -9.23 -20.09 -31.84
CA GLN A 48 -8.21 -20.37 -30.85
C GLN A 48 -6.83 -20.10 -31.44
N LEU A 49 -5.91 -19.69 -30.57
CA LEU A 49 -4.52 -19.47 -30.93
C LEU A 49 -3.71 -20.74 -30.65
N VAL A 50 -2.94 -21.18 -31.64
CA VAL A 50 -2.13 -22.39 -31.53
C VAL A 50 -0.67 -21.99 -31.39
N VAL A 51 -0.03 -22.51 -30.35
CA VAL A 51 1.36 -22.15 -30.06
C VAL A 51 2.28 -22.96 -30.97
N PRO A 52 3.24 -22.32 -31.67
CA PRO A 52 4.08 -23.08 -32.60
C PRO A 52 5.35 -23.61 -31.95
N SER A 53 5.72 -23.08 -30.79
CA SER A 53 7.00 -23.41 -30.16
C SER A 53 6.83 -23.56 -28.66
N GLU A 54 7.69 -24.39 -28.07
CA GLU A 54 7.77 -24.49 -26.62
C GLU A 54 8.56 -23.31 -26.08
N GLY A 55 8.17 -22.85 -24.90
CA GLY A 55 8.84 -21.72 -24.27
C GLY A 55 7.84 -20.90 -23.47
N LEU A 56 8.32 -19.76 -23.00
CA LEU A 56 7.51 -18.84 -22.21
C LEU A 56 6.75 -17.89 -23.13
N TYR A 57 5.50 -17.60 -22.76
CA TYR A 57 4.64 -16.74 -23.54
C TYR A 57 3.87 -15.82 -22.61
N LEU A 58 3.69 -14.57 -23.04
CA LEU A 58 2.77 -13.65 -22.38
C LEU A 58 1.41 -13.77 -23.05
N ILE A 59 0.42 -14.26 -22.29
CA ILE A 59 -0.95 -14.40 -22.76
C ILE A 59 -1.78 -13.30 -22.12
N TYR A 60 -2.59 -12.61 -22.93
CA TYR A 60 -3.41 -11.53 -22.42
C TYR A 60 -4.70 -11.45 -23.23
N SER A 61 -5.68 -10.76 -22.65
CA SER A 61 -6.98 -10.60 -23.28
C SER A 61 -7.77 -9.56 -22.51
N GLN A 62 -8.67 -8.88 -23.20
CA GLN A 62 -9.56 -7.90 -22.60
C GLN A 62 -10.92 -7.97 -23.27
N VAL A 63 -11.98 -7.85 -22.48
CA VAL A 63 -13.34 -7.80 -22.99
C VAL A 63 -14.06 -6.63 -22.35
N LEU A 64 -15.04 -6.10 -23.07
CA LEU A 64 -15.89 -5.02 -22.57
C LEU A 64 -17.34 -5.51 -22.57
N PHE A 65 -18.04 -5.28 -21.47
CA PHE A 65 -19.44 -5.61 -21.33
C PHE A 65 -20.25 -4.33 -21.18
N LYS A 66 -21.46 -4.33 -21.75
CA LYS A 66 -22.31 -3.15 -21.78
C LYS A 66 -23.77 -3.58 -21.61
N GLY A 67 -24.52 -2.82 -20.81
CA GLY A 67 -25.91 -3.11 -20.59
C GLY A 67 -26.75 -1.90 -20.26
N GLN A 68 -27.92 -1.78 -20.90
CA GLN A 68 -28.83 -0.67 -20.66
C GLN A 68 -29.77 -1.06 -19.52
N GLY A 69 -29.39 -0.69 -18.30
CA GLY A 69 -30.23 -0.94 -17.15
C GLY A 69 -29.95 -2.31 -16.51
N CYS A 70 -30.43 -2.46 -15.28
CA CYS A 70 -30.25 -3.69 -14.53
C CYS A 70 -31.56 -4.44 -14.50
N PRO A 71 -31.67 -5.62 -15.13
CA PRO A 71 -32.91 -6.39 -15.03
C PRO A 71 -33.00 -7.17 -13.73
N SER A 72 -31.93 -7.87 -13.38
CA SER A 72 -31.82 -8.60 -12.13
C SER A 72 -30.73 -7.95 -11.27
N THR A 73 -30.38 -8.63 -10.17
CA THR A 73 -29.24 -8.24 -9.35
C THR A 73 -28.13 -9.28 -9.40
N HIS A 74 -28.29 -10.35 -10.17
CA HIS A 74 -27.32 -11.43 -10.21
C HIS A 74 -26.71 -11.53 -11.61
N VAL A 75 -26.31 -10.39 -12.16
CA VAL A 75 -25.65 -10.37 -13.47
C VAL A 75 -24.21 -10.78 -13.27
N LEU A 76 -23.86 -11.98 -13.72
CA LEU A 76 -22.53 -12.55 -13.51
C LEU A 76 -21.80 -12.59 -14.86
N LEU A 77 -20.82 -11.71 -15.01
CA LEU A 77 -19.99 -11.64 -16.21
C LEU A 77 -18.62 -12.21 -15.89
N THR A 78 -18.16 -13.14 -16.72
CA THR A 78 -16.89 -13.83 -16.49
C THR A 78 -16.07 -13.85 -17.78
N HIS A 79 -14.75 -13.81 -17.61
CA HIS A 79 -13.80 -13.90 -18.71
C HIS A 79 -12.70 -14.86 -18.30
N THR A 80 -12.33 -15.76 -19.21
CA THR A 80 -11.37 -16.80 -18.91
C THR A 80 -10.44 -17.01 -20.10
N ILE A 81 -9.27 -17.58 -19.81
CA ILE A 81 -8.30 -17.98 -20.83
C ILE A 81 -7.89 -19.41 -20.54
N SER A 82 -7.98 -20.28 -21.55
CA SER A 82 -7.77 -21.71 -21.37
C SER A 82 -6.63 -22.19 -22.26
N ARG A 83 -6.15 -23.40 -21.94
CA ARG A 83 -5.09 -24.06 -22.71
C ARG A 83 -5.52 -25.49 -23.01
N ILE A 84 -5.21 -25.95 -24.21
CA ILE A 84 -5.53 -27.30 -24.65
C ILE A 84 -4.32 -27.85 -25.39
N ALA A 85 -3.77 -28.97 -24.91
CA ALA A 85 -2.56 -29.53 -25.47
C ALA A 85 -2.84 -30.75 -26.33
N VAL A 86 -3.25 -31.85 -25.70
CA VAL A 86 -3.40 -33.12 -26.42
C VAL A 86 -4.88 -33.21 -26.79
N SER A 87 -5.23 -32.49 -27.86
CA SER A 87 -6.59 -32.43 -28.42
C SER A 87 -7.65 -33.11 -27.57
N THR A 90 -8.14 -32.42 -21.61
CA THR A 90 -9.16 -31.45 -21.22
C THR A 90 -8.58 -30.06 -21.11
N LYS A 91 -9.33 -29.08 -21.59
CA LYS A 91 -8.90 -27.69 -21.48
C LYS A 91 -8.64 -27.34 -20.01
N VAL A 92 -7.61 -26.54 -19.79
CA VAL A 92 -7.23 -26.10 -18.45
C VAL A 92 -7.28 -24.58 -18.41
N ASN A 93 -7.97 -24.03 -17.42
CA ASN A 93 -8.06 -22.58 -17.28
C ASN A 93 -6.73 -22.03 -16.81
N LEU A 94 -6.22 -21.02 -17.52
CA LEU A 94 -5.02 -20.30 -17.11
C LEU A 94 -5.35 -19.06 -16.29
N LEU A 95 -6.29 -18.26 -16.78
CA LEU A 95 -6.67 -17.00 -16.14
C LEU A 95 -8.18 -16.85 -16.19
N SER A 96 -8.74 -16.20 -15.17
CA SER A 96 -10.18 -16.04 -15.06
C SER A 96 -10.50 -14.79 -14.24
N ALA A 97 -11.73 -14.30 -14.40
CA ALA A 97 -12.18 -13.11 -13.68
C ALA A 97 -13.69 -13.07 -13.71
N ILE A 98 -14.27 -12.46 -12.67
CA ILE A 98 -15.72 -12.42 -12.47
C ILE A 98 -16.11 -11.02 -12.03
N LYS A 99 -17.14 -10.46 -12.67
CA LYS A 99 -17.67 -9.15 -12.31
C LYS A 99 -19.19 -9.21 -12.18
N SER A 100 -19.73 -8.34 -11.34
CA SER A 100 -21.17 -8.27 -11.09
C SER A 100 -21.58 -6.81 -10.98
N PRO A 101 -22.08 -6.21 -12.06
CA PRO A 101 -22.33 -4.76 -12.06
C PRO A 101 -23.63 -4.34 -11.40
N CYS A 102 -24.60 -5.24 -11.27
CA CYS A 102 -25.94 -4.87 -10.83
C CYS A 102 -26.15 -5.25 -9.37
N GLN A 103 -26.78 -4.34 -8.63
CA GLN A 103 -27.12 -4.58 -7.24
C GLN A 103 -28.62 -4.42 -7.03
N ALA A 112 -33.58 2.74 -16.34
CA ALA A 112 -32.52 1.89 -16.87
C ALA A 112 -31.19 2.63 -16.90
N LYS A 113 -30.43 2.53 -15.82
CA LYS A 113 -29.11 3.13 -15.76
C LYS A 113 -28.13 2.30 -16.61
N PRO A 114 -27.55 2.86 -17.66
CA PRO A 114 -26.57 2.09 -18.44
C PRO A 114 -25.27 1.92 -17.66
N TRP A 115 -24.56 0.84 -17.98
CA TRP A 115 -23.35 0.50 -17.27
C TRP A 115 -22.38 -0.19 -18.22
N TYR A 116 -21.13 -0.28 -17.79
CA TYR A 116 -20.12 -1.03 -18.51
C TYR A 116 -19.14 -1.62 -17.52
N GLU A 117 -18.54 -2.74 -17.88
CA GLU A 117 -17.57 -3.40 -17.03
C GLU A 117 -16.45 -4.00 -17.87
N PRO A 118 -15.20 -3.57 -17.70
CA PRO A 118 -14.09 -4.22 -18.40
C PRO A 118 -13.49 -5.34 -17.59
N ILE A 119 -12.92 -6.31 -18.31
CA ILE A 119 -12.21 -7.41 -17.68
C ILE A 119 -10.94 -7.66 -18.49
N TYR A 120 -9.79 -7.40 -17.90
CA TYR A 120 -8.50 -7.68 -18.51
C TYR A 120 -7.86 -8.88 -17.83
N LEU A 121 -7.22 -9.74 -18.63
CA LEU A 121 -6.50 -10.89 -18.11
C LEU A 121 -5.10 -10.88 -18.70
N GLY A 122 -4.11 -11.22 -17.87
CA GLY A 122 -2.72 -11.26 -18.30
C GLY A 122 -1.88 -12.14 -17.41
N GLY A 123 -0.92 -12.86 -17.99
CA GLY A 123 -0.05 -13.72 -17.21
C GLY A 123 0.98 -14.36 -18.11
N VAL A 124 2.01 -14.91 -17.46
CA VAL A 124 3.10 -15.62 -18.12
C VAL A 124 2.96 -17.11 -17.81
N PHE A 125 2.99 -17.93 -18.85
CA PHE A 125 2.77 -19.37 -18.71
C PHE A 125 3.76 -20.12 -19.59
N GLN A 126 4.09 -21.32 -19.15
CA GLN A 126 4.91 -22.24 -19.95
C GLN A 126 4.01 -23.02 -20.90
N LEU A 127 4.33 -22.96 -22.19
CA LEU A 127 3.56 -23.65 -23.23
C LEU A 127 4.47 -24.58 -24.02
N GLU A 128 3.87 -25.63 -24.57
CA GLU A 128 4.55 -26.53 -25.49
C GLU A 128 3.97 -26.37 -26.88
N LYS A 129 4.71 -26.87 -27.88
CA LYS A 129 4.23 -26.85 -29.24
C LYS A 129 2.87 -27.53 -29.33
N GLY A 130 1.96 -26.94 -30.11
CA GLY A 130 0.65 -27.51 -30.34
C GLY A 130 -0.44 -27.04 -29.39
N ASP A 131 -0.09 -26.40 -28.28
CA ASP A 131 -1.10 -25.90 -27.36
C ASP A 131 -2.08 -25.00 -28.10
N ARG A 132 -3.33 -25.00 -27.64
CA ARG A 132 -4.40 -24.23 -28.26
C ARG A 132 -5.03 -23.36 -27.19
N LEU A 133 -4.86 -22.05 -27.31
CA LEU A 133 -5.32 -21.09 -26.32
C LEU A 133 -6.62 -20.42 -26.77
N SER A 134 -7.54 -20.25 -25.82
CA SER A 134 -8.84 -19.65 -26.09
C SER A 134 -9.13 -18.61 -25.03
N ALA A 135 -10.02 -17.67 -25.37
CA ALA A 135 -10.46 -16.61 -24.47
C ALA A 135 -11.96 -16.48 -24.61
N GLU A 136 -12.70 -16.99 -23.64
CA GLU A 136 -14.14 -17.14 -23.74
C GLU A 136 -14.86 -16.32 -22.67
N ILE A 137 -16.06 -15.86 -23.01
CA ILE A 137 -16.94 -15.15 -22.10
C ILE A 137 -18.22 -15.95 -21.93
N ASN A 138 -19.04 -15.53 -20.98
CA ASN A 138 -20.28 -16.22 -20.66
C ASN A 138 -21.53 -15.44 -21.02
N ARG A 139 -21.40 -14.17 -21.43
CA ARG A 139 -22.52 -13.36 -21.89
C ARG A 139 -22.13 -12.62 -23.16
N PRO A 140 -21.99 -13.34 -24.27
CA PRO A 140 -21.73 -12.66 -25.55
C PRO A 140 -22.77 -11.61 -25.90
N ASP A 141 -23.99 -11.68 -25.35
CA ASP A 141 -24.99 -10.66 -25.62
C ASP A 141 -24.55 -9.31 -25.07
N TYR A 142 -23.95 -9.30 -23.88
CA TYR A 142 -23.51 -8.05 -23.27
C TYR A 142 -22.19 -7.55 -23.84
N LEU A 143 -21.51 -8.34 -24.68
CA LEU A 143 -20.29 -7.86 -25.32
C LEU A 143 -20.60 -6.66 -26.19
N ASP A 144 -19.77 -5.61 -26.08
CA ASP A 144 -19.91 -4.43 -26.90
C ASP A 144 -18.54 -3.79 -27.07
N PHE A 145 -18.50 -2.68 -27.79
CA PHE A 145 -17.29 -1.88 -27.98
C PHE A 145 -16.21 -2.64 -28.74
N ALA A 146 -16.57 -3.72 -29.42
CA ALA A 146 -15.59 -4.53 -30.13
C ALA A 146 -15.02 -3.83 -31.36
N GLU A 147 -15.51 -2.64 -31.71
CA GLU A 147 -15.00 -1.91 -32.86
C GLU A 147 -13.88 -0.95 -32.48
N SER A 148 -13.64 -0.71 -31.19
CA SER A 148 -12.60 0.20 -30.73
C SER A 148 -11.25 -0.47 -30.58
N GLY A 149 -11.15 -1.77 -30.85
CA GLY A 149 -9.90 -2.49 -30.68
C GLY A 149 -9.56 -2.85 -29.26
N GLN A 150 -10.43 -2.55 -28.29
CA GLN A 150 -10.16 -2.81 -26.89
C GLN A 150 -10.63 -4.18 -26.44
N VAL A 151 -11.31 -4.93 -27.31
CA VAL A 151 -11.61 -6.35 -27.07
C VAL A 151 -10.57 -7.14 -27.86
N TYR A 152 -9.58 -7.70 -27.16
CA TYR A 152 -8.44 -8.32 -27.82
C TYR A 152 -8.02 -9.58 -27.08
N PHE A 153 -7.06 -10.28 -27.67
CA PHE A 153 -6.57 -11.57 -27.19
C PHE A 153 -5.25 -11.82 -27.89
N GLY A 154 -4.13 -11.82 -27.17
CA GLY A 154 -2.83 -11.81 -27.80
C GLY A 154 -1.85 -12.74 -27.12
N ILE A 155 -0.74 -12.98 -27.83
CA ILE A 155 0.33 -13.86 -27.39
C ILE A 155 1.65 -13.19 -27.73
N ILE A 156 2.60 -13.24 -26.79
CA ILE A 156 3.94 -12.69 -27.00
C ILE A 156 4.95 -13.69 -26.47
N ALA A 157 5.80 -14.21 -27.36
CA ALA A 157 6.89 -15.07 -26.94
C ALA A 157 7.99 -14.22 -26.33
N LEU A 158 8.28 -14.43 -25.07
CA LEU A 158 9.29 -13.64 -24.39
C LEU A 158 10.67 -13.96 -24.94
N THR B 8 -20.22 -26.25 19.66
CA THR B 8 -21.25 -25.22 19.72
C THR B 8 -21.04 -24.28 20.91
N PRO B 9 -20.76 -24.83 22.11
CA PRO B 9 -20.60 -23.95 23.28
C PRO B 9 -19.16 -23.52 23.50
N SER B 10 -18.45 -23.23 22.41
CA SER B 10 -17.09 -22.69 22.47
C SER B 10 -16.16 -23.61 23.27
N ASP B 11 -16.36 -24.91 23.12
N ASP B 11 -16.37 -24.91 23.16
CA ASP B 11 -15.52 -25.93 23.75
CA ASP B 11 -15.47 -25.90 23.75
C ASP B 11 -14.98 -26.89 22.70
C ASP B 11 -15.03 -26.88 22.68
N LYS B 12 -14.49 -26.34 21.60
CA LYS B 12 -14.05 -27.14 20.46
C LYS B 12 -12.59 -27.53 20.63
N PRO B 13 -12.08 -28.42 19.78
CA PRO B 13 -10.69 -28.86 19.92
C PRO B 13 -9.72 -27.70 19.99
N VAL B 14 -8.60 -27.93 20.69
CA VAL B 14 -7.54 -26.93 20.78
C VAL B 14 -6.25 -27.67 21.14
N ALA B 15 -5.14 -27.18 20.60
CA ALA B 15 -3.84 -27.78 20.88
C ALA B 15 -2.78 -26.70 20.79
N HIS B 16 -1.81 -26.77 21.70
CA HIS B 16 -0.65 -25.88 21.70
C HIS B 16 0.48 -26.61 22.40
N VAL B 17 1.55 -26.93 21.67
CA VAL B 17 2.67 -27.69 22.20
C VAL B 17 3.95 -26.92 21.93
N VAL B 18 4.95 -27.12 22.79
CA VAL B 18 6.20 -26.40 22.74
C VAL B 18 7.33 -27.40 22.47
N ALA B 19 8.38 -26.92 21.81
CA ALA B 19 9.53 -27.76 21.53
C ALA B 19 10.23 -28.18 22.81
N ASN B 20 11.01 -29.25 22.70
CA ASN B 20 11.75 -29.77 23.85
C ASN B 20 13.10 -29.08 23.94
N PRO B 21 13.37 -28.32 25.01
CA PRO B 21 14.64 -27.56 25.05
C PRO B 21 15.85 -28.44 25.31
N GLN B 22 15.71 -29.52 26.08
CA GLN B 22 16.85 -30.37 26.38
C GLN B 22 17.27 -31.14 25.14
N ALA B 23 16.31 -31.72 24.42
CA ALA B 23 16.62 -32.37 23.14
C ALA B 23 17.20 -31.34 22.17
N GLU B 24 18.47 -31.51 21.80
CA GLU B 24 19.18 -30.49 21.04
C GLU B 24 19.18 -30.74 19.54
N GLY B 25 19.38 -31.99 19.11
CA GLY B 25 19.48 -32.28 17.69
C GLY B 25 18.18 -32.69 17.03
N GLN B 26 17.08 -32.05 17.40
CA GLN B 26 15.78 -32.38 16.83
C GLN B 26 14.74 -31.42 17.39
N LEU B 27 13.55 -31.45 16.81
CA LEU B 27 12.43 -30.61 17.21
C LEU B 27 11.33 -31.52 17.75
N GLN B 28 11.40 -31.81 19.04
N GLN B 28 11.41 -31.83 19.04
CA GLN B 28 10.47 -32.73 19.70
CA GLN B 28 10.48 -32.74 19.70
C GLN B 28 9.42 -31.92 20.44
C GLN B 28 9.43 -31.91 20.43
N TRP B 29 8.16 -32.10 20.07
CA TRP B 29 7.07 -31.35 20.68
C TRP B 29 6.66 -31.99 22.01
N LEU B 30 6.18 -31.15 22.93
CA LEU B 30 5.80 -31.60 24.26
C LEU B 30 4.49 -30.92 24.67
N ASN B 31 3.79 -31.57 25.60
CA ASN B 31 2.58 -31.01 26.19
C ASN B 31 2.93 -30.33 27.52
N ALA B 39 -6.03 -30.56 24.58
CA ALA B 39 -7.18 -31.27 25.16
C ALA B 39 -8.41 -31.12 24.28
N ASN B 40 -9.52 -31.73 24.71
CA ASN B 40 -10.80 -31.62 24.03
C ASN B 40 -10.89 -32.48 22.78
N GLY B 41 -9.99 -33.46 22.62
CA GLY B 41 -10.01 -34.32 21.47
C GLY B 41 -8.66 -34.48 20.80
N VAL B 42 -7.97 -33.38 20.55
CA VAL B 42 -6.66 -33.45 19.90
C VAL B 42 -5.67 -34.11 20.85
N GLU B 43 -4.72 -34.83 20.27
CA GLU B 43 -3.69 -35.51 21.05
C GLU B 43 -2.37 -35.44 20.29
N LEU B 44 -1.28 -35.59 21.04
CA LEU B 44 0.07 -35.54 20.49
C LEU B 44 0.62 -36.96 20.40
N ARG B 45 0.90 -37.41 19.17
CA ARG B 45 1.31 -38.78 18.92
C ARG B 45 2.37 -38.80 17.82
N ASP B 46 3.56 -39.26 18.16
CA ASP B 46 4.69 -39.36 17.22
C ASP B 46 4.99 -37.99 16.60
N ASN B 47 5.24 -37.02 17.48
CA ASN B 47 5.62 -35.67 17.08
C ASN B 47 4.58 -35.04 16.16
N GLN B 48 3.34 -35.50 16.22
CA GLN B 48 2.28 -35.06 15.34
C GLN B 48 1.02 -34.78 16.15
N LEU B 49 0.22 -33.84 15.65
CA LEU B 49 -1.09 -33.53 16.23
C LEU B 49 -2.18 -34.21 15.43
N VAL B 50 -3.07 -34.91 16.11
CA VAL B 50 -4.14 -35.68 15.48
C VAL B 50 -5.45 -34.91 15.59
N VAL B 51 -6.15 -34.77 14.48
CA VAL B 51 -7.42 -34.04 14.46
C VAL B 51 -8.54 -34.99 14.87
N PRO B 52 -9.40 -34.61 15.82
CA PRO B 52 -10.49 -35.51 16.22
C PRO B 52 -11.80 -35.33 15.46
N SER B 53 -11.95 -34.26 14.67
CA SER B 53 -13.21 -33.99 13.99
C SER B 53 -12.93 -33.27 12.68
N GLU B 54 -13.89 -33.38 11.76
CA GLU B 54 -13.83 -32.61 10.53
C GLU B 54 -14.26 -31.17 10.81
N GLY B 55 -13.65 -30.24 10.10
CA GLY B 55 -13.98 -28.84 10.27
C GLY B 55 -12.76 -27.98 9.98
N LEU B 56 -12.99 -26.67 10.06
CA LEU B 56 -11.92 -25.70 9.83
C LEU B 56 -11.07 -25.54 11.07
N TYR B 57 -9.76 -25.41 10.87
CA TYR B 57 -8.80 -25.27 11.96
C TYR B 57 -7.82 -24.16 11.65
N LEU B 58 -7.58 -23.27 12.61
CA LEU B 58 -6.42 -22.40 12.58
C LEU B 58 -5.20 -23.22 12.97
N ILE B 59 -4.20 -23.25 12.10
CA ILE B 59 -2.98 -24.00 12.33
C ILE B 59 -1.83 -23.01 12.34
N TYR B 60 -0.97 -23.10 13.35
CA TYR B 60 0.12 -22.14 13.50
C TYR B 60 1.33 -22.84 14.09
N SER B 61 2.47 -22.18 13.97
CA SER B 61 3.70 -22.64 14.60
C SER B 61 4.80 -21.60 14.41
N GLN B 62 5.77 -21.58 15.30
CA GLN B 62 6.87 -20.63 15.23
C GLN B 62 8.14 -21.31 15.68
N VAL B 63 9.23 -21.10 14.95
CA VAL B 63 10.53 -21.65 15.30
C VAL B 63 11.54 -20.51 15.32
N LEU B 64 12.63 -20.72 16.03
CA LEU B 64 13.66 -19.72 16.24
C LEU B 64 15.02 -20.32 15.91
N PHE B 65 15.80 -19.62 15.09
CA PHE B 65 17.10 -20.07 14.67
C PHE B 65 18.17 -19.12 15.20
N LYS B 66 19.36 -19.67 15.44
CA LYS B 66 20.48 -18.89 15.97
C LYS B 66 21.79 -19.50 15.49
N GLY B 67 22.73 -18.63 15.15
CA GLY B 67 24.06 -19.06 14.77
C GLY B 67 25.11 -18.16 15.38
N GLN B 68 26.27 -18.73 15.66
CA GLN B 68 27.40 -18.00 16.21
C GLN B 68 28.35 -17.52 15.12
N GLY B 69 27.79 -16.87 14.10
CA GLY B 69 28.56 -16.40 12.97
C GLY B 69 28.10 -17.00 11.67
N CYS B 70 28.49 -16.38 10.54
CA CYS B 70 28.12 -16.88 9.23
C CYS B 70 29.22 -17.79 8.69
N PRO B 71 28.93 -19.04 8.36
CA PRO B 71 29.95 -19.92 7.80
C PRO B 71 30.15 -19.64 6.31
N SER B 72 31.15 -20.31 5.74
CA SER B 72 31.41 -20.17 4.31
C SER B 72 30.17 -20.52 3.49
N THR B 73 29.38 -21.47 3.96
CA THR B 73 28.16 -21.87 3.27
C THR B 73 27.03 -20.88 3.56
N HIS B 74 26.02 -20.91 2.69
CA HIS B 74 24.83 -20.08 2.84
C HIS B 74 23.76 -20.87 3.61
N VAL B 75 23.46 -20.43 4.83
CA VAL B 75 22.49 -21.12 5.66
C VAL B 75 21.09 -20.87 5.10
N LEU B 76 20.37 -21.95 4.80
CA LEU B 76 18.99 -21.87 4.34
C LEU B 76 18.11 -22.55 5.38
N LEU B 77 17.28 -21.76 6.05
CA LEU B 77 16.42 -22.24 7.12
C LEU B 77 14.99 -22.38 6.61
N THR B 78 14.38 -23.53 6.84
CA THR B 78 13.04 -23.82 6.36
C THR B 78 12.17 -24.33 7.49
N HIS B 79 10.89 -23.93 7.46
CA HIS B 79 9.88 -24.40 8.39
C HIS B 79 8.67 -24.82 7.59
N THR B 80 8.07 -25.95 7.96
CA THR B 80 6.99 -26.53 7.18
C THR B 80 5.98 -27.20 8.11
N ILE B 81 4.69 -27.00 7.81
CA ILE B 81 3.60 -27.71 8.46
C ILE B 81 2.92 -28.57 7.40
N SER B 82 2.83 -29.86 7.67
CA SER B 82 2.34 -30.83 6.69
C SER B 82 1.21 -31.66 7.28
N ARG B 83 0.40 -32.23 6.38
CA ARG B 83 -0.69 -33.10 6.78
C ARG B 83 -0.46 -34.53 6.29
N LYS B 91 1.99 -37.17 2.12
CA LYS B 91 2.49 -35.99 2.79
C LYS B 91 2.34 -34.76 1.90
N VAL B 92 1.67 -33.73 2.42
CA VAL B 92 1.43 -32.50 1.68
C VAL B 92 1.69 -31.32 2.61
N ASN B 93 2.28 -30.27 2.06
CA ASN B 93 2.63 -29.09 2.84
C ASN B 93 1.48 -28.07 2.79
N LEU B 94 1.11 -27.56 3.95
CA LEU B 94 0.09 -26.53 4.06
C LEU B 94 0.68 -25.13 4.17
N LEU B 95 1.77 -24.99 4.93
CA LEU B 95 2.45 -23.71 5.10
C LEU B 95 3.95 -23.95 5.05
N SER B 96 4.68 -22.97 4.52
CA SER B 96 6.13 -23.09 4.39
C SER B 96 6.75 -21.70 4.36
N ALA B 97 8.02 -21.64 4.72
CA ALA B 97 8.78 -20.40 4.66
C ALA B 97 10.27 -20.73 4.64
N ILE B 98 11.05 -19.83 4.05
CA ILE B 98 12.49 -19.98 3.97
C ILE B 98 13.15 -18.69 4.42
N LYS B 99 14.39 -18.81 4.89
CA LYS B 99 15.14 -17.67 5.39
C LYS B 99 16.63 -17.86 5.13
N SER B 100 17.31 -16.76 4.84
CA SER B 100 18.76 -16.73 4.65
C SER B 100 19.34 -15.68 5.59
N PRO B 101 19.71 -16.08 6.81
CA PRO B 101 20.16 -15.09 7.80
C PRO B 101 21.47 -14.40 7.45
N CYS B 102 22.24 -14.93 6.49
CA CYS B 102 23.55 -14.40 6.14
C CYS B 102 23.47 -13.77 4.75
N GLN B 103 22.95 -12.54 4.70
CA GLN B 103 22.84 -11.79 3.44
C GLN B 103 24.11 -10.97 3.21
N ARG B 104 24.25 -9.87 3.95
CA ARG B 104 25.35 -8.94 3.74
C ARG B 104 26.21 -8.77 5.00
N LYS B 113 29.80 -12.61 13.92
CA LYS B 113 28.66 -11.95 14.55
C LYS B 113 27.50 -12.94 14.72
N PRO B 114 26.92 -13.01 15.92
CA PRO B 114 25.76 -13.87 16.11
C PRO B 114 24.53 -13.30 15.42
N TRP B 115 23.70 -14.19 14.89
CA TRP B 115 22.47 -13.82 14.20
C TRP B 115 21.31 -14.63 14.76
N TYR B 116 20.10 -14.17 14.46
CA TYR B 116 18.89 -14.89 14.85
C TYR B 116 17.83 -14.65 13.78
N GLU B 117 16.92 -15.61 13.64
CA GLU B 117 15.91 -15.55 12.59
C GLU B 117 14.67 -16.31 13.01
N PRO B 118 13.54 -15.64 13.25
CA PRO B 118 12.29 -16.35 13.50
C PRO B 118 11.53 -16.67 12.23
N ILE B 119 10.73 -17.73 12.30
CA ILE B 119 9.81 -18.10 11.23
C ILE B 119 8.47 -18.45 11.86
N TYR B 120 7.44 -17.69 11.51
CA TYR B 120 6.08 -17.96 11.96
C TYR B 120 5.22 -18.36 10.77
N LEU B 121 4.39 -19.38 10.98
CA LEU B 121 3.43 -19.83 9.99
C LEU B 121 2.04 -19.82 10.61
N GLY B 122 1.04 -19.60 9.76
CA GLY B 122 -0.33 -19.55 10.21
C GLY B 122 -1.30 -19.58 9.05
N GLY B 123 -2.46 -20.19 9.26
CA GLY B 123 -3.47 -20.25 8.22
C GLY B 123 -4.64 -21.10 8.67
N VAL B 124 -5.79 -20.84 8.03
CA VAL B 124 -7.00 -21.62 8.24
C VAL B 124 -7.05 -22.69 7.17
N PHE B 125 -7.26 -23.94 7.58
CA PHE B 125 -7.27 -25.06 6.66
C PHE B 125 -8.38 -26.04 7.05
N GLN B 126 -8.95 -26.68 6.04
CA GLN B 126 -9.88 -27.77 6.27
C GLN B 126 -9.10 -29.02 6.66
N LEU B 127 -9.61 -29.75 7.65
CA LEU B 127 -8.98 -30.97 8.13
C LEU B 127 -10.02 -32.07 8.27
N GLU B 128 -9.55 -33.30 8.24
CA GLU B 128 -10.40 -34.48 8.32
C GLU B 128 -10.13 -35.24 9.61
N LYS B 129 -11.08 -36.07 10.00
CA LYS B 129 -10.92 -36.88 11.20
C LYS B 129 -9.76 -37.86 11.02
N GLY B 130 -8.83 -37.86 11.96
CA GLY B 130 -7.68 -38.74 11.89
C GLY B 130 -6.46 -38.17 11.21
N ASP B 131 -6.53 -36.94 10.72
CA ASP B 131 -5.37 -36.33 10.08
C ASP B 131 -4.28 -36.03 11.11
N ARG B 132 -3.04 -36.29 10.73
CA ARG B 132 -1.87 -36.09 11.58
C ARG B 132 -1.06 -34.92 11.03
N LEU B 133 -0.97 -33.85 11.82
CA LEU B 133 -0.23 -32.66 11.42
C LEU B 133 1.15 -32.65 12.08
N SER B 134 2.15 -32.25 11.31
CA SER B 134 3.51 -32.15 11.80
C SER B 134 4.08 -30.78 11.45
N ALA B 135 5.00 -30.31 12.28
CA ALA B 135 5.72 -29.05 12.06
C ALA B 135 7.20 -29.35 12.20
N GLU B 136 7.94 -29.23 11.10
CA GLU B 136 9.33 -29.67 11.05
C GLU B 136 10.22 -28.60 10.42
N ILE B 137 11.51 -28.67 10.73
CA ILE B 137 12.51 -27.74 10.22
C ILE B 137 13.64 -28.55 9.60
N ASN B 138 14.46 -27.88 8.81
CA ASN B 138 15.54 -28.54 8.08
C ASN B 138 16.88 -28.45 8.78
N ARG B 139 17.09 -27.45 9.65
CA ARG B 139 18.36 -27.26 10.35
C ARG B 139 18.11 -27.31 11.85
N PRO B 140 17.97 -28.51 12.42
CA PRO B 140 17.78 -28.60 13.87
C PRO B 140 18.95 -28.06 14.68
N ASP B 141 20.16 -28.11 14.13
CA ASP B 141 21.33 -27.61 14.87
C ASP B 141 21.25 -26.11 15.13
N TYR B 142 20.44 -25.37 14.36
CA TYR B 142 20.31 -23.94 14.53
C TYR B 142 19.11 -23.55 15.40
N LEU B 143 18.22 -24.48 15.70
CA LEU B 143 17.10 -24.19 16.59
C LEU B 143 17.61 -23.78 17.96
N ASP B 144 16.85 -22.92 18.63
CA ASP B 144 17.19 -22.50 19.99
C ASP B 144 16.02 -21.74 20.57
N PHE B 145 16.17 -21.31 21.83
CA PHE B 145 15.16 -20.55 22.57
C PHE B 145 13.91 -21.35 22.87
N ALA B 146 13.99 -22.69 22.78
CA ALA B 146 12.80 -23.50 23.03
C ALA B 146 12.32 -23.38 24.46
N GLU B 147 13.21 -23.03 25.39
CA GLU B 147 12.82 -22.88 26.79
C GLU B 147 12.03 -21.61 27.03
N SER B 148 12.11 -20.63 26.12
CA SER B 148 11.34 -19.40 26.29
C SER B 148 9.86 -19.61 25.99
N GLY B 149 9.49 -20.68 25.31
CA GLY B 149 8.12 -20.94 24.94
C GLY B 149 7.71 -20.39 23.59
N GLN B 150 8.62 -19.76 22.85
CA GLN B 150 8.30 -19.17 21.56
C GLN B 150 8.47 -20.14 20.40
N VAL B 151 9.01 -21.33 20.65
CA VAL B 151 9.06 -22.39 19.65
C VAL B 151 7.87 -23.29 19.93
N TYR B 152 6.76 -23.04 19.24
CA TYR B 152 5.50 -23.73 19.56
C TYR B 152 4.87 -24.28 18.29
N PHE B 153 3.71 -24.92 18.49
CA PHE B 153 2.95 -25.59 17.45
C PHE B 153 1.56 -25.83 18.02
N GLY B 154 0.50 -25.55 17.25
CA GLY B 154 -0.83 -25.74 17.76
C GLY B 154 -1.87 -25.62 16.67
N ILE B 155 -3.06 -26.15 16.97
CA ILE B 155 -4.24 -25.98 16.14
C ILE B 155 -5.38 -25.52 17.03
N ILE B 156 -6.33 -24.84 16.42
CA ILE B 156 -7.53 -24.38 17.11
C ILE B 156 -8.71 -24.57 16.18
N ALA B 157 -9.75 -25.26 16.65
CA ALA B 157 -10.97 -25.45 15.86
C ALA B 157 -11.78 -24.16 15.88
N LEU B 158 -11.96 -23.56 14.71
CA LEU B 158 -12.69 -22.31 14.59
C LEU B 158 -14.18 -22.53 14.79
N THR C 8 -29.40 7.32 25.03
CA THR C 8 -29.44 5.87 24.96
C THR C 8 -28.20 5.28 25.63
N PRO C 9 -28.39 4.33 26.57
CA PRO C 9 -27.23 3.73 27.26
C PRO C 9 -26.56 2.64 26.43
N SER C 10 -25.59 1.96 27.04
CA SER C 10 -24.89 0.88 26.34
C SER C 10 -25.85 -0.19 25.83
N ASP C 11 -27.06 -0.28 26.41
N ASP C 11 -27.05 -0.29 26.41
CA ASP C 11 -28.06 -1.24 25.96
CA ASP C 11 -28.04 -1.24 25.94
C ASP C 11 -28.74 -0.70 24.71
C ASP C 11 -28.70 -0.67 24.69
N LYS C 12 -28.50 -1.34 23.57
CA LYS C 12 -29.08 -0.94 22.30
C LYS C 12 -29.51 -2.20 21.54
N PRO C 13 -30.29 -2.09 20.48
CA PRO C 13 -30.70 -3.29 19.73
C PRO C 13 -29.49 -4.08 19.25
N VAL C 14 -29.50 -5.38 19.50
CA VAL C 14 -28.45 -6.28 19.05
C VAL C 14 -29.09 -7.61 18.65
N ALA C 15 -28.46 -8.27 17.68
CA ALA C 15 -28.92 -9.57 17.22
C ALA C 15 -27.75 -10.31 16.59
N HIS C 16 -27.67 -11.61 16.84
CA HIS C 16 -26.65 -12.47 16.26
C HIS C 16 -27.27 -13.85 16.10
N VAL C 17 -27.65 -14.20 14.87
CA VAL C 17 -28.28 -15.47 14.58
C VAL C 17 -27.31 -16.34 13.79
N VAL C 18 -27.45 -17.65 13.95
CA VAL C 18 -26.55 -18.62 13.32
C VAL C 18 -27.36 -19.54 12.43
N ALA C 19 -26.70 -20.07 11.41
CA ALA C 19 -27.35 -20.96 10.48
C ALA C 19 -27.74 -22.27 11.16
N ASN C 20 -28.84 -22.85 10.71
CA ASN C 20 -29.34 -24.09 11.29
C ASN C 20 -28.55 -25.27 10.73
N PRO C 21 -27.87 -26.06 11.57
CA PRO C 21 -27.07 -27.16 11.03
C PRO C 21 -27.91 -28.28 10.42
N GLN C 22 -29.13 -28.47 10.89
CA GLN C 22 -29.98 -29.56 10.44
C GLN C 22 -30.94 -29.14 9.33
N ALA C 23 -30.97 -27.86 8.96
CA ALA C 23 -31.79 -27.40 7.84
C ALA C 23 -30.99 -27.59 6.55
N GLU C 24 -30.83 -28.87 6.18
CA GLU C 24 -30.03 -29.20 5.00
C GLU C 24 -30.69 -28.68 3.74
N GLY C 25 -29.88 -28.07 2.87
CA GLY C 25 -30.35 -27.57 1.59
C GLY C 25 -30.75 -26.11 1.59
N GLN C 26 -30.59 -25.40 2.70
CA GLN C 26 -30.94 -23.98 2.76
C GLN C 26 -30.20 -23.35 3.92
N LEU C 27 -30.29 -22.02 4.00
CA LEU C 27 -29.62 -21.23 5.03
C LEU C 27 -30.69 -20.63 5.93
N GLN C 28 -31.13 -21.43 6.91
CA GLN C 28 -32.13 -21.01 7.88
C GLN C 28 -31.43 -20.54 9.15
N TRP C 29 -31.77 -19.34 9.60
CA TRP C 29 -31.13 -18.75 10.78
C TRP C 29 -31.87 -19.15 12.05
N LEU C 30 -31.17 -19.02 13.18
CA LEU C 30 -31.72 -19.34 14.48
C LEU C 30 -31.05 -18.46 15.53
N ASN C 31 -31.68 -18.37 16.69
CA ASN C 31 -31.12 -17.66 17.84
C ASN C 31 -30.26 -18.66 18.63
N ARG C 32 -28.94 -18.49 18.53
CA ARG C 32 -28.00 -19.38 19.19
C ARG C 32 -28.34 -19.56 20.67
N ALA C 36 -28.87 -16.31 22.85
CA ALA C 36 -29.78 -15.67 21.89
C ALA C 36 -29.20 -14.36 21.42
N LEU C 37 -28.78 -13.52 22.37
CA LEU C 37 -28.24 -12.19 22.09
C LEU C 37 -29.25 -11.35 21.31
N LEU C 38 -30.53 -11.62 21.51
CA LEU C 38 -31.62 -10.94 20.82
C LEU C 38 -32.41 -10.15 21.85
N ALA C 39 -32.28 -8.82 21.82
CA ALA C 39 -32.89 -7.99 22.84
C ALA C 39 -33.21 -6.61 22.27
N ASN C 40 -34.03 -5.87 23.01
CA ASN C 40 -34.34 -4.47 22.71
C ASN C 40 -35.07 -4.32 21.39
N GLY C 41 -36.01 -5.22 21.12
CA GLY C 41 -36.93 -5.08 20.01
C GLY C 41 -36.57 -5.86 18.76
N VAL C 42 -35.31 -6.26 18.61
CA VAL C 42 -34.93 -7.00 17.42
C VAL C 42 -35.48 -8.42 17.50
N GLU C 43 -35.92 -8.95 16.36
CA GLU C 43 -36.49 -10.29 16.33
C GLU C 43 -36.31 -10.87 14.93
N LEU C 44 -36.50 -12.18 14.84
CA LEU C 44 -36.27 -12.95 13.62
C LEU C 44 -37.62 -13.44 13.11
N ARG C 45 -38.11 -12.83 12.04
CA ARG C 45 -39.39 -13.18 11.44
C ARG C 45 -39.17 -13.57 9.98
N ASP C 46 -39.53 -14.81 9.64
CA ASP C 46 -39.43 -15.32 8.28
C ASP C 46 -37.98 -15.27 7.79
N ASN C 47 -37.08 -15.80 8.61
CA ASN C 47 -35.66 -15.88 8.27
C ASN C 47 -35.02 -14.51 8.10
N GLN C 48 -35.68 -13.46 8.59
CA GLN C 48 -35.22 -12.09 8.40
C GLN C 48 -35.17 -11.38 9.75
N LEU C 49 -34.19 -10.48 9.88
CA LEU C 49 -34.05 -9.64 11.07
C LEU C 49 -34.83 -8.35 10.87
N VAL C 50 -35.65 -8.00 11.86
CA VAL C 50 -36.52 -6.83 11.80
C VAL C 50 -35.95 -5.75 12.71
N VAL C 51 -35.84 -4.53 12.19
CA VAL C 51 -35.22 -3.42 12.91
C VAL C 51 -36.28 -2.76 13.80
N PRO C 52 -36.01 -2.56 15.09
CA PRO C 52 -37.02 -1.93 15.96
C PRO C 52 -36.88 -0.42 16.08
N SER C 53 -35.68 0.11 15.82
CA SER C 53 -35.40 1.53 16.00
C SER C 53 -34.67 2.08 14.78
N GLU C 54 -35.00 3.31 14.42
CA GLU C 54 -34.32 4.01 13.34
C GLU C 54 -32.97 4.52 13.83
N GLY C 55 -31.98 4.46 12.97
CA GLY C 55 -30.64 4.91 13.31
C GLY C 55 -29.61 4.15 12.50
N LEU C 56 -28.37 4.20 12.98
CA LEU C 56 -27.27 3.51 12.33
C LEU C 56 -27.13 2.11 12.91
N TYR C 57 -26.78 1.16 12.05
CA TYR C 57 -26.60 -0.24 12.45
C TYR C 57 -25.39 -0.82 11.74
N LEU C 58 -24.51 -1.45 12.50
CA LEU C 58 -23.49 -2.32 11.92
C LEU C 58 -24.16 -3.63 11.52
N ILE C 59 -24.11 -3.94 10.22
CA ILE C 59 -24.67 -5.19 9.69
C ILE C 59 -23.50 -6.08 9.28
N TYR C 60 -23.57 -7.34 9.68
CA TYR C 60 -22.54 -8.30 9.32
C TYR C 60 -23.15 -9.66 9.11
N SER C 61 -22.39 -10.55 8.46
CA SER C 61 -22.80 -11.91 8.23
C SER C 61 -21.64 -12.66 7.61
N GLN C 62 -21.53 -13.95 7.94
CA GLN C 62 -20.48 -14.79 7.41
C GLN C 62 -21.08 -16.14 7.02
N VAL C 63 -20.68 -16.63 5.85
CA VAL C 63 -21.09 -17.94 5.37
C VAL C 63 -19.84 -18.70 4.93
N LEU C 64 -19.91 -20.02 4.99
CA LEU C 64 -18.79 -20.89 4.67
C LEU C 64 -19.26 -21.96 3.68
N PHE C 65 -18.49 -22.14 2.62
CA PHE C 65 -18.80 -23.13 1.59
C PHE C 65 -17.77 -24.25 1.61
N LYS C 66 -18.14 -25.37 1.00
CA LYS C 66 -17.31 -26.58 1.06
C LYS C 66 -17.70 -27.50 -0.09
N GLY C 67 -16.72 -27.87 -0.90
CA GLY C 67 -16.94 -28.86 -1.95
C GLY C 67 -15.88 -29.94 -1.90
N GLN C 68 -16.27 -31.12 -2.38
CA GLN C 68 -15.41 -32.28 -2.39
C GLN C 68 -14.51 -32.33 -3.62
N GLY C 69 -14.25 -31.18 -4.23
CA GLY C 69 -13.52 -31.10 -5.48
C GLY C 69 -14.22 -30.19 -6.48
N CYS C 70 -13.52 -29.93 -7.57
CA CYS C 70 -14.08 -29.14 -8.66
C CYS C 70 -14.46 -30.05 -9.82
N PRO C 71 -15.58 -30.77 -9.74
CA PRO C 71 -15.98 -31.62 -10.87
C PRO C 71 -16.35 -30.83 -12.11
N SER C 72 -16.58 -29.52 -11.97
CA SER C 72 -16.91 -28.67 -13.11
C SER C 72 -16.47 -27.25 -12.80
N THR C 73 -16.20 -26.49 -13.85
CA THR C 73 -15.96 -25.06 -13.70
C THR C 73 -17.31 -24.39 -13.46
N HIS C 74 -17.31 -23.06 -13.46
CA HIS C 74 -18.53 -22.27 -13.29
C HIS C 74 -19.11 -22.38 -11.88
N VAL C 75 -18.26 -22.62 -10.88
CA VAL C 75 -18.71 -22.66 -9.48
C VAL C 75 -18.62 -21.23 -8.96
N LEU C 76 -19.72 -20.49 -9.11
CA LEU C 76 -19.80 -19.10 -8.67
C LEU C 76 -20.63 -19.03 -7.40
N LEU C 77 -19.97 -18.74 -6.28
CA LEU C 77 -20.61 -18.61 -4.99
C LEU C 77 -20.84 -17.14 -4.67
N THR C 78 -21.99 -16.84 -4.06
CA THR C 78 -22.34 -15.47 -3.73
C THR C 78 -23.00 -15.41 -2.37
N HIS C 79 -22.72 -14.32 -1.65
CA HIS C 79 -23.35 -14.00 -0.38
C HIS C 79 -23.81 -12.55 -0.47
N THR C 80 -25.04 -12.29 -0.04
CA THR C 80 -25.62 -10.95 -0.17
C THR C 80 -26.47 -10.63 1.05
N ILE C 81 -26.38 -9.37 1.49
CA ILE C 81 -27.24 -8.85 2.54
C ILE C 81 -28.17 -7.82 1.90
N SER C 82 -29.47 -8.08 1.97
CA SER C 82 -30.47 -7.22 1.35
C SER C 82 -31.40 -6.65 2.42
N ARG C 83 -32.20 -5.67 2.01
CA ARG C 83 -33.13 -5.00 2.92
C ARG C 83 -34.52 -4.94 2.29
N ALA C 85 -37.88 -2.65 3.23
CA ALA C 85 -38.46 -1.50 3.88
C ALA C 85 -39.98 -1.62 3.98
N VAL C 86 -40.54 -1.10 5.07
CA VAL C 86 -42.00 -1.03 5.17
C VAL C 86 -42.54 0.06 4.25
N SER C 87 -41.73 1.08 3.96
CA SER C 87 -42.16 2.16 3.08
C SER C 87 -42.38 1.65 1.65
N TYR C 88 -41.45 0.84 1.15
CA TYR C 88 -41.54 0.27 -0.19
C TYR C 88 -40.96 -1.13 -0.16
N GLN C 89 -41.58 -2.03 -0.93
CA GLN C 89 -41.18 -3.44 -0.95
C GLN C 89 -40.40 -3.74 -2.23
N THR C 90 -39.18 -3.21 -2.27
CA THR C 90 -38.23 -3.48 -3.34
C THR C 90 -36.90 -3.86 -2.70
N LYS C 91 -36.46 -5.09 -2.95
CA LYS C 91 -35.24 -5.58 -2.32
C LYS C 91 -34.03 -4.82 -2.84
N VAL C 92 -33.22 -4.29 -1.91
CA VAL C 92 -32.00 -3.58 -2.24
C VAL C 92 -30.83 -4.31 -1.60
N ASN C 93 -29.74 -4.44 -2.34
CA ASN C 93 -28.55 -5.15 -1.87
C ASN C 93 -27.65 -4.16 -1.15
N LEU C 94 -27.51 -4.32 0.17
CA LEU C 94 -26.59 -3.48 0.91
C LEU C 94 -25.14 -3.94 0.70
N LEU C 95 -24.88 -5.21 0.93
CA LEU C 95 -23.55 -5.79 0.74
C LEU C 95 -23.66 -7.06 -0.09
N SER C 96 -22.54 -7.42 -0.73
CA SER C 96 -22.47 -8.63 -1.53
C SER C 96 -21.01 -8.99 -1.75
N ALA C 97 -20.80 -10.21 -2.24
CA ALA C 97 -19.45 -10.69 -2.54
C ALA C 97 -19.54 -11.99 -3.31
N ILE C 98 -18.64 -12.16 -4.27
CA ILE C 98 -18.62 -13.33 -5.14
C ILE C 98 -17.23 -13.94 -5.08
N LYS C 99 -17.16 -15.28 -5.11
CA LYS C 99 -15.91 -16.00 -5.08
C LYS C 99 -15.99 -17.21 -6.00
N SER C 100 -14.83 -17.71 -6.39
CA SER C 100 -14.71 -18.85 -7.29
C SER C 100 -13.70 -19.84 -6.72
N PRO C 101 -14.15 -20.92 -6.06
CA PRO C 101 -13.21 -21.83 -5.41
C PRO C 101 -12.36 -22.65 -6.38
N CYS C 102 -12.48 -22.46 -7.69
CA CYS C 102 -11.73 -23.25 -8.65
C CYS C 102 -11.06 -22.35 -9.68
N ALA C 112 -9.17 -34.62 -7.12
CA ALA C 112 -10.36 -34.39 -6.30
C ALA C 112 -10.00 -33.71 -5.00
N LYS C 113 -9.27 -32.60 -5.10
CA LYS C 113 -8.84 -31.89 -3.91
C LYS C 113 -10.03 -31.19 -3.26
N PRO C 114 -10.28 -31.38 -1.96
CA PRO C 114 -11.34 -30.62 -1.30
C PRO C 114 -10.98 -29.15 -1.18
N TRP C 115 -12.00 -28.31 -1.13
CA TRP C 115 -11.81 -26.87 -1.04
C TRP C 115 -12.79 -26.26 -0.06
N TYR C 116 -12.50 -25.03 0.35
CA TYR C 116 -13.39 -24.26 1.21
C TYR C 116 -13.17 -22.79 0.92
N GLU C 117 -14.25 -22.01 0.96
CA GLU C 117 -14.14 -20.57 0.74
C GLU C 117 -15.04 -19.82 1.72
N PRO C 118 -14.48 -18.99 2.59
CA PRO C 118 -15.32 -18.16 3.45
C PRO C 118 -15.69 -16.85 2.78
N ILE C 119 -16.83 -16.31 3.20
CA ILE C 119 -17.28 -15.00 2.75
C ILE C 119 -17.83 -14.25 3.96
N TYR C 120 -17.26 -13.08 4.23
CA TYR C 120 -17.73 -12.20 5.30
C TYR C 120 -18.14 -10.86 4.70
N LEU C 121 -19.21 -10.29 5.24
CA LEU C 121 -19.69 -8.98 4.84
C LEU C 121 -19.91 -8.14 6.09
N GLY C 122 -19.62 -6.84 5.98
CA GLY C 122 -19.75 -5.95 7.12
C GLY C 122 -19.79 -4.50 6.72
N GLY C 123 -20.80 -3.77 7.20
CA GLY C 123 -20.92 -2.37 6.88
C GLY C 123 -21.93 -1.69 7.78
N VAL C 124 -21.87 -0.36 7.79
CA VAL C 124 -22.80 0.49 8.53
C VAL C 124 -23.81 1.05 7.56
N PHE C 125 -25.07 1.14 8.00
CA PHE C 125 -26.14 1.61 7.12
C PHE C 125 -27.22 2.29 7.96
N GLN C 126 -28.01 3.12 7.28
CA GLN C 126 -29.10 3.88 7.90
C GLN C 126 -30.39 3.11 7.68
N LEU C 127 -30.93 2.51 8.74
CA LEU C 127 -32.12 1.68 8.66
C LEU C 127 -33.29 2.37 9.32
N GLU C 128 -34.50 2.02 8.87
CA GLU C 128 -35.73 2.56 9.42
C GLU C 128 -36.50 1.48 10.17
N LYS C 129 -37.26 1.92 11.17
CA LYS C 129 -38.06 0.99 11.97
C LYS C 129 -39.03 0.22 11.07
N GLY C 130 -38.81 -1.09 10.94
CA GLY C 130 -39.63 -1.93 10.09
C GLY C 130 -38.89 -2.57 8.94
N ASP C 131 -37.61 -2.27 8.73
CA ASP C 131 -36.86 -2.88 7.64
C ASP C 131 -36.63 -4.36 7.91
N ARG C 132 -36.77 -5.17 6.87
CA ARG C 132 -36.54 -6.61 6.95
C ARG C 132 -35.19 -6.91 6.30
N LEU C 133 -34.25 -7.44 7.07
CA LEU C 133 -32.91 -7.75 6.60
C LEU C 133 -32.76 -9.25 6.44
N SER C 134 -32.23 -9.67 5.29
CA SER C 134 -32.01 -11.08 4.98
C SER C 134 -30.57 -11.28 4.53
N ALA C 135 -30.05 -12.48 4.78
CA ALA C 135 -28.71 -12.88 4.36
C ALA C 135 -28.85 -14.17 3.59
N GLU C 136 -28.75 -14.09 2.27
CA GLU C 136 -29.01 -15.21 1.38
C GLU C 136 -27.72 -15.62 0.67
N ILE C 137 -27.80 -16.78 0.00
CA ILE C 137 -26.70 -17.31 -0.79
C ILE C 137 -27.27 -18.00 -2.02
N ASN C 138 -26.42 -18.21 -3.01
CA ASN C 138 -26.85 -18.80 -4.27
C ASN C 138 -26.68 -20.31 -4.32
N ARG C 139 -25.68 -20.85 -3.61
CA ARG C 139 -25.39 -22.29 -3.61
C ARG C 139 -25.48 -22.82 -2.19
N PRO C 140 -26.69 -23.11 -1.70
CA PRO C 140 -26.81 -23.73 -0.37
C PRO C 140 -26.35 -25.18 -0.33
N ASP C 141 -26.22 -25.85 -1.48
CA ASP C 141 -25.71 -27.22 -1.48
C ASP C 141 -24.26 -27.29 -1.02
N TYR C 142 -23.54 -26.16 -1.01
CA TYR C 142 -22.14 -26.12 -0.60
C TYR C 142 -21.94 -25.59 0.82
N LEU C 143 -22.99 -25.07 1.46
CA LEU C 143 -22.87 -24.58 2.83
C LEU C 143 -22.51 -25.72 3.77
N ASP C 144 -21.58 -25.46 4.68
CA ASP C 144 -21.22 -26.43 5.71
C ASP C 144 -20.62 -25.67 6.89
N PHE C 145 -20.19 -26.41 7.90
CA PHE C 145 -19.58 -25.89 9.12
C PHE C 145 -20.55 -25.05 9.95
N ALA C 146 -21.85 -25.13 9.66
CA ALA C 146 -22.82 -24.30 10.36
C ALA C 146 -22.83 -24.60 11.86
N GLU C 147 -22.49 -25.83 12.25
CA GLU C 147 -22.58 -26.20 13.66
C GLU C 147 -21.48 -25.55 14.51
N SER C 148 -20.47 -24.96 13.89
CA SER C 148 -19.40 -24.29 14.61
C SER C 148 -19.75 -22.86 15.01
N GLY C 149 -20.93 -22.38 14.65
CA GLY C 149 -21.31 -21.01 14.95
C GLY C 149 -20.61 -19.97 14.13
N GLN C 150 -19.96 -20.35 13.03
CA GLN C 150 -19.27 -19.43 12.16
C GLN C 150 -20.06 -19.09 10.90
N VAL C 151 -21.29 -19.58 10.78
CA VAL C 151 -22.22 -19.13 9.76
C VAL C 151 -23.27 -18.30 10.47
N TYR C 152 -23.06 -16.98 10.53
CA TYR C 152 -23.86 -16.12 11.38
C TYR C 152 -24.40 -14.94 10.59
N PHE C 153 -25.13 -14.08 11.31
CA PHE C 153 -25.82 -12.93 10.73
C PHE C 153 -26.33 -12.08 11.88
N GLY C 154 -25.95 -10.81 11.93
CA GLY C 154 -26.32 -10.00 13.08
C GLY C 154 -26.35 -8.53 12.74
N ILE C 155 -26.95 -7.77 13.65
CA ILE C 155 -27.00 -6.31 13.55
C ILE C 155 -26.72 -5.73 14.93
N ILE C 156 -25.96 -4.63 14.95
CA ILE C 156 -25.63 -3.91 16.18
C ILE C 156 -25.93 -2.43 15.95
N ALA C 157 -26.60 -1.81 16.92
CA ALA C 157 -26.99 -0.41 16.82
C ALA C 157 -25.84 0.47 17.30
N LEU C 158 -25.34 1.31 16.39
CA LEU C 158 -24.24 2.22 16.74
C LEU C 158 -24.79 3.53 17.28
N ARG D 7 -10.99 0.76 -37.68
CA ARG D 7 -10.92 1.89 -36.77
C ARG D 7 -9.50 2.07 -36.22
N THR D 8 -8.74 2.97 -36.83
CA THR D 8 -7.37 3.25 -36.41
C THR D 8 -7.36 4.44 -35.45
N PRO D 9 -6.24 4.67 -34.77
CA PRO D 9 -6.20 5.80 -33.83
C PRO D 9 -6.45 7.14 -34.50
N SER D 10 -5.97 7.32 -35.73
CA SER D 10 -6.22 8.57 -36.45
C SER D 10 -7.70 8.85 -36.59
N ASP D 11 -8.53 7.80 -36.61
CA ASP D 11 -9.96 7.95 -36.83
C ASP D 11 -10.74 8.22 -35.55
N LYS D 12 -10.11 8.07 -34.38
CA LYS D 12 -10.88 8.16 -33.14
C LYS D 12 -10.95 9.60 -32.65
N PRO D 13 -12.09 10.02 -32.08
CA PRO D 13 -12.19 11.39 -31.57
C PRO D 13 -11.08 11.74 -30.59
N VAL D 14 -10.56 12.96 -30.71
CA VAL D 14 -9.60 13.51 -29.77
C VAL D 14 -9.88 14.99 -29.62
N ALA D 15 -9.83 15.49 -28.39
CA ALA D 15 -10.01 16.91 -28.13
C ALA D 15 -9.19 17.32 -26.92
N HIS D 16 -8.56 18.48 -27.03
CA HIS D 16 -7.79 19.03 -25.91
C HIS D 16 -7.90 20.55 -25.96
N VAL D 17 -8.63 21.12 -25.01
CA VAL D 17 -8.80 22.56 -24.93
C VAL D 17 -8.08 23.06 -23.69
N VAL D 18 -7.81 24.37 -23.66
CA VAL D 18 -7.02 24.99 -22.61
C VAL D 18 -7.74 26.26 -22.15
N ALA D 19 -7.50 26.64 -20.90
CA ALA D 19 -8.17 27.80 -20.34
C ALA D 19 -7.67 29.09 -20.98
N ASN D 20 -8.60 29.94 -21.36
CA ASN D 20 -8.26 31.24 -21.94
C ASN D 20 -7.62 32.12 -20.88
N PRO D 21 -6.36 32.55 -21.04
CA PRO D 21 -5.75 33.39 -19.99
C PRO D 21 -6.29 34.80 -19.94
N GLN D 22 -6.92 35.28 -21.02
CA GLN D 22 -7.45 36.63 -21.04
C GLN D 22 -8.74 36.73 -20.23
N ALA D 23 -9.67 35.81 -20.46
CA ALA D 23 -10.95 35.83 -19.75
C ALA D 23 -10.73 35.79 -18.25
N GLU D 24 -10.91 36.93 -17.59
CA GLU D 24 -10.69 37.04 -16.15
C GLU D 24 -12.01 36.82 -15.41
N GLY D 25 -11.91 36.14 -14.26
CA GLY D 25 -13.08 35.88 -13.45
C GLY D 25 -13.87 34.67 -13.84
N GLN D 26 -13.38 33.86 -14.78
CA GLN D 26 -14.11 32.68 -15.24
C GLN D 26 -13.14 31.75 -15.94
N LEU D 27 -13.60 30.51 -16.15
CA LEU D 27 -12.81 29.46 -16.78
C LEU D 27 -13.44 29.15 -18.15
N GLN D 28 -12.90 29.79 -19.19
CA GLN D 28 -13.37 29.61 -20.56
C GLN D 28 -12.37 28.76 -21.33
N TRP D 29 -12.88 27.85 -22.16
CA TRP D 29 -12.06 26.95 -22.93
C TRP D 29 -11.85 27.47 -24.35
N LEU D 30 -10.77 26.99 -24.97
CA LEU D 30 -10.42 27.38 -26.33
C LEU D 30 -9.44 26.34 -26.88
N ASN D 31 -9.76 25.75 -28.01
CA ASN D 31 -8.85 24.83 -28.65
C ASN D 31 -7.69 25.62 -29.25
N ARG D 32 -6.46 25.16 -29.00
CA ARG D 32 -5.28 25.95 -29.31
C ARG D 32 -5.18 26.25 -30.80
N ARG D 33 -4.95 27.52 -31.13
CA ARG D 33 -4.81 28.03 -32.49
C ARG D 33 -6.10 27.91 -33.30
N ALA D 34 -7.18 27.38 -32.71
CA ALA D 34 -8.45 27.22 -33.40
C ALA D 34 -8.31 26.41 -34.68
N ASN D 35 -7.30 25.51 -34.74
CA ASN D 35 -7.15 24.64 -35.89
C ASN D 35 -6.41 23.35 -35.52
N ALA D 36 -6.52 22.92 -34.26
CA ALA D 36 -5.87 21.69 -33.81
C ALA D 36 -6.45 21.32 -32.45
N LEU D 37 -6.27 20.04 -32.10
CA LEU D 37 -6.69 19.51 -30.80
C LEU D 37 -8.21 19.52 -30.63
N LEU D 38 -8.95 19.38 -31.74
CA LEU D 38 -10.41 19.29 -31.74
C LEU D 38 -10.79 18.50 -32.99
N ALA D 39 -10.59 17.18 -32.93
CA ALA D 39 -10.58 16.33 -34.11
C ALA D 39 -11.72 15.34 -34.10
N ASN D 40 -12.10 14.89 -35.30
CA ASN D 40 -13.03 13.80 -35.52
C ASN D 40 -14.31 13.96 -34.69
N GLY D 41 -15.05 15.01 -35.05
CA GLY D 41 -16.39 15.22 -34.54
C GLY D 41 -16.48 16.03 -33.27
N VAL D 42 -15.50 15.92 -32.37
CA VAL D 42 -15.59 16.62 -31.09
C VAL D 42 -15.67 18.12 -31.36
N GLU D 43 -16.60 18.79 -30.69
CA GLU D 43 -16.82 20.21 -30.86
C GLU D 43 -16.84 20.91 -29.50
N LEU D 44 -16.49 22.19 -29.52
CA LEU D 44 -16.48 23.03 -28.33
C LEU D 44 -17.60 24.05 -28.47
N ARG D 45 -18.67 23.85 -27.70
CA ARG D 45 -19.84 24.73 -27.74
C ARG D 45 -20.26 25.07 -26.32
N ASP D 46 -20.57 26.35 -26.10
CA ASP D 46 -21.05 26.82 -24.80
C ASP D 46 -20.06 26.45 -23.69
N ASN D 47 -18.76 26.51 -24.02
CA ASN D 47 -17.70 26.13 -23.10
C ASN D 47 -17.75 24.64 -22.75
N GLN D 48 -18.39 23.83 -23.60
CA GLN D 48 -18.60 22.42 -23.33
C GLN D 48 -18.10 21.58 -24.51
N LEU D 49 -17.58 20.41 -24.19
CA LEU D 49 -17.18 19.44 -25.21
C LEU D 49 -18.38 18.58 -25.58
N VAL D 50 -18.59 18.40 -26.89
CA VAL D 50 -19.73 17.69 -27.43
C VAL D 50 -19.24 16.40 -28.05
N VAL D 51 -19.68 15.28 -27.48
CA VAL D 51 -19.24 13.94 -27.91
C VAL D 51 -19.87 13.62 -29.26
N PRO D 52 -19.09 13.26 -30.28
CA PRO D 52 -19.69 12.96 -31.59
C PRO D 52 -20.18 11.52 -31.74
N SER D 53 -19.67 10.58 -30.95
CA SER D 53 -20.00 9.18 -31.14
C SER D 53 -20.13 8.47 -29.80
N GLU D 54 -21.01 7.48 -29.75
CA GLU D 54 -21.16 6.64 -28.57
C GLU D 54 -19.95 5.74 -28.42
N GLY D 55 -19.60 5.43 -27.18
CA GLY D 55 -18.47 4.58 -26.89
C GLY D 55 -17.84 4.97 -25.57
N LEU D 56 -16.61 4.49 -25.37
CA LEU D 56 -15.83 4.76 -24.17
C LEU D 56 -14.86 5.90 -24.43
N TYR D 57 -14.71 6.78 -23.44
CA TYR D 57 -13.87 7.95 -23.57
C TYR D 57 -13.04 8.15 -22.31
N LEU D 58 -11.81 8.61 -22.49
CA LEU D 58 -10.99 9.08 -21.39
C LEU D 58 -11.20 10.58 -21.24
N ILE D 59 -11.78 11.00 -20.11
CA ILE D 59 -12.07 12.38 -19.82
C ILE D 59 -11.09 12.86 -18.76
N TYR D 60 -10.54 14.05 -18.94
CA TYR D 60 -9.56 14.58 -18.01
C TYR D 60 -9.59 16.10 -18.00
N SER D 61 -9.17 16.67 -16.88
CA SER D 61 -9.08 18.12 -16.73
C SER D 61 -8.14 18.43 -15.57
N GLN D 62 -7.53 19.61 -15.64
CA GLN D 62 -6.66 20.10 -14.57
C GLN D 62 -6.87 21.60 -14.42
N VAL D 63 -6.88 22.06 -13.18
CA VAL D 63 -6.98 23.49 -12.87
C VAL D 63 -5.92 23.84 -11.85
N LEU D 64 -5.51 25.11 -11.86
CA LEU D 64 -4.57 25.65 -10.88
C LEU D 64 -5.22 26.82 -10.15
N PHE D 65 -5.08 26.84 -8.83
CA PHE D 65 -5.57 27.92 -7.99
C PHE D 65 -4.40 28.61 -7.31
N LYS D 66 -4.45 29.94 -7.22
CA LYS D 66 -3.45 30.70 -6.50
C LYS D 66 -4.13 31.81 -5.71
N GLY D 67 -3.61 32.07 -4.51
CA GLY D 67 -4.10 33.15 -3.68
C GLY D 67 -2.99 33.76 -2.84
N GLN D 68 -3.00 35.08 -2.69
CA GLN D 68 -2.00 35.79 -1.89
C GLN D 68 -2.54 35.91 -0.47
N GLY D 69 -2.12 35.02 0.41
CA GLY D 69 -2.54 35.03 1.79
C GLY D 69 -3.81 34.23 2.02
N CYS D 70 -4.07 33.96 3.30
CA CYS D 70 -5.22 33.17 3.70
C CYS D 70 -6.34 34.10 4.15
N PRO D 71 -7.45 34.23 3.40
CA PRO D 71 -8.52 35.14 3.81
C PRO D 71 -9.29 34.62 5.02
N SER D 72 -9.78 33.38 4.93
CA SER D 72 -10.46 32.72 6.02
C SER D 72 -10.00 31.28 6.10
N THR D 73 -10.45 30.58 7.13
CA THR D 73 -10.06 29.19 7.34
C THR D 73 -10.85 28.22 6.47
N HIS D 74 -11.95 28.66 5.87
CA HIS D 74 -12.78 27.76 5.07
C HIS D 74 -12.78 28.18 3.60
N VAL D 75 -11.59 28.40 3.03
CA VAL D 75 -11.48 28.52 1.59
C VAL D 75 -11.66 27.13 0.99
N LEU D 76 -12.67 26.98 0.15
CA LEU D 76 -13.00 25.69 -0.47
C LEU D 76 -12.79 25.81 -1.97
N LEU D 77 -11.86 25.02 -2.50
CA LEU D 77 -11.54 25.00 -3.91
C LEU D 77 -12.08 23.70 -4.50
N THR D 78 -12.99 23.82 -5.46
CA THR D 78 -13.66 22.67 -6.05
C THR D 78 -13.48 22.66 -7.56
N HIS D 79 -13.18 21.48 -8.09
CA HIS D 79 -13.11 21.24 -9.53
C HIS D 79 -14.03 20.07 -9.84
N THR D 80 -14.84 20.22 -10.88
CA THR D 80 -15.87 19.21 -11.17
C THR D 80 -16.04 19.08 -12.68
N ILE D 81 -16.07 17.83 -13.15
CA ILE D 81 -16.43 17.50 -14.52
C ILE D 81 -17.83 16.92 -14.51
N SER D 82 -18.71 17.46 -15.34
CA SER D 82 -20.10 17.02 -15.38
C SER D 82 -20.47 16.56 -16.79
N ARG D 83 -21.52 15.75 -16.85
CA ARG D 83 -22.08 15.25 -18.10
C ARG D 83 -23.51 15.76 -18.22
N ILE D 84 -23.80 16.44 -19.33
CA ILE D 84 -25.14 16.91 -19.64
C ILE D 84 -25.59 16.14 -20.87
N ALA D 85 -26.37 15.09 -20.65
CA ALA D 85 -26.81 14.24 -21.74
C ALA D 85 -27.90 14.94 -22.56
N VAL D 86 -28.09 14.44 -23.78
CA VAL D 86 -29.21 14.89 -24.61
C VAL D 86 -30.51 14.19 -24.24
N SER D 87 -30.47 13.26 -23.30
CA SER D 87 -31.65 12.51 -22.89
C SER D 87 -32.29 13.12 -21.64
N TYR D 88 -31.63 12.98 -20.49
CA TYR D 88 -32.16 13.55 -19.27
C TYR D 88 -31.97 15.06 -19.21
N GLN D 89 -30.91 15.57 -19.85
CA GLN D 89 -30.64 17.01 -19.87
C GLN D 89 -30.46 17.55 -18.45
N THR D 90 -29.84 16.75 -17.59
CA THR D 90 -29.53 17.14 -16.23
C THR D 90 -28.09 16.77 -15.92
N LYS D 91 -27.38 17.69 -15.27
CA LYS D 91 -25.98 17.48 -14.94
C LYS D 91 -25.78 16.15 -14.24
N VAL D 92 -24.70 15.46 -14.60
CA VAL D 92 -24.32 14.21 -13.95
C VAL D 92 -22.83 14.29 -13.64
N ASN D 93 -22.49 14.67 -12.40
CA ASN D 93 -21.10 14.90 -12.04
C ASN D 93 -20.30 13.60 -12.13
N LEU D 94 -19.47 13.49 -13.16
CA LEU D 94 -18.66 12.29 -13.34
C LEU D 94 -17.45 12.29 -12.41
N LEU D 95 -16.82 13.44 -12.22
CA LEU D 95 -15.59 13.56 -11.45
C LEU D 95 -15.62 14.87 -10.67
N SER D 96 -14.99 14.86 -9.51
CA SER D 96 -14.94 16.06 -8.67
C SER D 96 -13.86 15.88 -7.61
N ALA D 97 -13.41 17.00 -7.06
CA ALA D 97 -12.42 17.01 -6.00
C ALA D 97 -12.47 18.36 -5.29
N ILE D 98 -12.15 18.34 -4.00
CA ILE D 98 -12.22 19.52 -3.14
C ILE D 98 -10.89 19.69 -2.43
N LYS D 99 -10.52 20.94 -2.16
CA LYS D 99 -9.25 21.23 -1.50
C LYS D 99 -9.40 22.45 -0.61
N SER D 100 -8.92 22.33 0.63
CA SER D 100 -8.81 23.45 1.56
C SER D 100 -7.38 23.98 1.51
N PRO D 101 -7.10 25.09 0.83
CA PRO D 101 -5.70 25.48 0.60
C PRO D 101 -4.96 25.85 1.87
N CYS D 102 -5.54 26.72 2.69
CA CYS D 102 -4.82 27.30 3.82
C CYS D 102 -5.65 27.21 5.09
N GLN D 103 -4.98 26.92 6.19
CA GLN D 103 -5.54 27.00 7.52
C GLN D 103 -5.03 28.27 8.20
N ARG D 104 -5.36 28.44 9.47
CA ARG D 104 -4.88 29.58 10.24
C ARG D 104 -5.33 30.90 9.63
N ALA D 112 1.35 38.03 4.43
CA ALA D 112 0.52 37.51 3.35
C ALA D 112 1.29 36.48 2.54
N LYS D 113 1.48 35.29 3.10
CA LYS D 113 2.18 34.22 2.42
C LYS D 113 1.30 33.62 1.33
N PRO D 114 1.74 33.60 0.07
CA PRO D 114 0.89 33.05 -0.99
C PRO D 114 0.82 31.53 -0.94
N TRP D 115 -0.17 30.99 -1.64
CA TRP D 115 -0.37 29.55 -1.72
C TRP D 115 -0.90 29.21 -3.10
N TYR D 116 -0.65 27.96 -3.51
CA TYR D 116 -1.17 27.45 -4.77
C TYR D 116 -1.69 26.04 -4.54
N GLU D 117 -2.67 25.65 -5.35
CA GLU D 117 -3.31 24.35 -5.17
C GLU D 117 -3.78 23.79 -6.50
N PRO D 118 -3.21 22.68 -6.97
CA PRO D 118 -3.70 22.06 -8.21
C PRO D 118 -4.80 21.04 -7.95
N ILE D 119 -5.57 20.78 -9.00
CA ILE D 119 -6.56 19.71 -9.00
C ILE D 119 -6.53 19.04 -10.37
N TYR D 120 -6.27 17.74 -10.39
CA TYR D 120 -6.36 16.95 -11.61
C TYR D 120 -7.56 16.01 -11.51
N LEU D 121 -8.30 15.88 -12.59
CA LEU D 121 -9.42 14.96 -12.69
C LEU D 121 -9.26 14.14 -13.97
N GLY D 122 -9.38 12.83 -13.83
CA GLY D 122 -9.29 11.94 -14.98
C GLY D 122 -10.05 10.66 -14.72
N GLY D 123 -10.55 10.05 -15.80
CA GLY D 123 -11.30 8.82 -15.66
C GLY D 123 -11.85 8.37 -17.00
N VAL D 124 -12.28 7.11 -17.03
CA VAL D 124 -12.90 6.50 -18.21
C VAL D 124 -14.40 6.39 -17.95
N PHE D 125 -15.20 6.82 -18.93
CA PHE D 125 -16.64 6.84 -18.77
C PHE D 125 -17.31 6.43 -20.08
N GLN D 126 -18.52 5.91 -19.96
CA GLN D 126 -19.35 5.60 -21.11
C GLN D 126 -20.18 6.83 -21.47
N LEU D 127 -20.11 7.23 -22.75
CA LEU D 127 -20.80 8.40 -23.24
C LEU D 127 -21.69 8.03 -24.41
N GLU D 128 -22.81 8.73 -24.53
CA GLU D 128 -23.75 8.55 -25.62
C GLU D 128 -23.61 9.69 -26.62
N LYS D 129 -23.86 9.37 -27.89
CA LYS D 129 -23.82 10.36 -28.96
C LYS D 129 -24.56 11.63 -28.55
N GLY D 130 -23.87 12.77 -28.68
CA GLY D 130 -24.48 14.05 -28.40
C GLY D 130 -24.31 14.55 -26.98
N ASP D 131 -23.63 13.81 -26.12
CA ASP D 131 -23.42 14.27 -24.75
C ASP D 131 -22.61 15.56 -24.73
N ARG D 132 -22.78 16.33 -23.66
CA ARG D 132 -22.10 17.61 -23.49
C ARG D 132 -21.35 17.56 -22.16
N LEU D 133 -20.02 17.61 -22.23
CA LEU D 133 -19.17 17.56 -21.05
C LEU D 133 -18.67 18.96 -20.71
N SER D 134 -18.55 19.22 -19.41
CA SER D 134 -18.12 20.52 -18.93
C SER D 134 -17.21 20.34 -17.72
N ALA D 135 -16.24 21.25 -17.59
CA ALA D 135 -15.31 21.27 -16.46
C ALA D 135 -15.43 22.63 -15.78
N GLU D 136 -15.92 22.63 -14.55
CA GLU D 136 -16.27 23.85 -13.84
C GLU D 136 -15.56 23.92 -12.50
N ILE D 137 -15.32 25.14 -12.02
CA ILE D 137 -14.76 25.38 -10.71
C ILE D 137 -15.70 26.29 -9.94
N ASN D 138 -15.52 26.33 -8.63
CA ASN D 138 -16.38 27.10 -7.74
C ASN D 138 -15.91 28.54 -7.58
N ARG D 139 -14.60 28.80 -7.67
CA ARG D 139 -14.04 30.13 -7.45
C ARG D 139 -13.04 30.45 -8.55
N PRO D 140 -13.53 30.90 -9.72
CA PRO D 140 -12.61 31.32 -10.80
C PRO D 140 -11.74 32.51 -10.44
N ASP D 141 -12.04 33.24 -9.37
CA ASP D 141 -11.17 34.34 -8.96
C ASP D 141 -9.78 33.86 -8.58
N TYR D 142 -9.68 32.61 -8.11
CA TYR D 142 -8.39 32.02 -7.75
C TYR D 142 -7.72 31.30 -8.91
N LEU D 143 -8.40 31.15 -10.05
CA LEU D 143 -7.78 30.51 -11.19
C LEU D 143 -6.58 31.32 -11.67
N ASP D 144 -5.49 30.62 -11.98
CA ASP D 144 -4.26 31.27 -12.41
C ASP D 144 -3.41 30.27 -13.17
N PHE D 145 -2.34 30.78 -13.79
CA PHE D 145 -1.38 29.98 -14.54
C PHE D 145 -2.00 29.40 -15.81
N ALA D 146 -2.92 30.14 -16.44
CA ALA D 146 -3.56 29.66 -17.66
C ALA D 146 -2.67 29.80 -18.89
N GLU D 147 -1.65 30.66 -18.84
CA GLU D 147 -0.76 30.80 -19.99
C GLU D 147 0.19 29.63 -20.13
N SER D 148 0.36 28.83 -19.07
CA SER D 148 1.30 27.72 -19.10
C SER D 148 0.74 26.49 -19.80
N GLY D 149 -0.56 26.44 -20.06
CA GLY D 149 -1.17 25.27 -20.65
C GLY D 149 -1.52 24.17 -19.68
N GLN D 150 -1.25 24.37 -18.39
CA GLN D 150 -1.55 23.36 -17.37
C GLN D 150 -2.99 23.43 -16.88
N VAL D 151 -3.80 24.35 -17.39
CA VAL D 151 -5.23 24.39 -17.12
C VAL D 151 -5.92 23.92 -18.39
N TYR D 152 -6.41 22.68 -18.37
CA TYR D 152 -6.87 22.07 -19.61
C TYR D 152 -8.10 21.21 -19.36
N PHE D 153 -8.70 20.76 -20.46
CA PHE D 153 -9.90 19.94 -20.46
C PHE D 153 -9.87 19.15 -21.77
N GLY D 154 -9.98 17.83 -21.67
CA GLY D 154 -9.83 17.01 -22.85
C GLY D 154 -10.56 15.69 -22.73
N ILE D 155 -10.79 15.07 -23.88
CA ILE D 155 -11.38 13.74 -23.95
C ILE D 155 -10.67 12.95 -25.04
N ILE D 156 -10.65 11.62 -24.88
CA ILE D 156 -9.99 10.72 -25.82
C ILE D 156 -10.86 9.49 -25.98
N ALA D 157 -11.25 9.19 -27.21
CA ALA D 157 -12.03 7.99 -27.50
C ALA D 157 -11.09 6.80 -27.56
N LEU D 158 -11.24 5.89 -26.60
CA LEU D 158 -10.33 4.74 -26.52
C LEU D 158 -10.48 3.82 -27.73
N THR E 8 3.26 11.46 37.26
CA THR E 8 1.81 11.43 37.48
C THR E 8 1.26 10.04 37.14
N PRO E 9 0.35 9.51 37.98
CA PRO E 9 -0.24 8.20 37.67
C PRO E 9 -1.22 8.29 36.51
N SER E 10 -2.03 7.25 36.32
CA SER E 10 -2.96 7.21 35.20
C SER E 10 -4.11 8.21 35.35
N ASP E 11 -4.27 8.83 36.52
CA ASP E 11 -5.33 9.81 36.73
C ASP E 11 -4.85 11.17 36.21
N LYS E 12 -5.05 11.39 34.92
CA LYS E 12 -4.68 12.65 34.26
C LYS E 12 -5.94 13.28 33.69
N PRO E 13 -5.88 14.51 33.18
CA PRO E 13 -7.09 15.13 32.62
C PRO E 13 -7.72 14.25 31.56
N VAL E 14 -9.05 14.32 31.47
CA VAL E 14 -9.80 13.54 30.51
C VAL E 14 -11.18 14.20 30.35
N ALA E 15 -11.69 14.19 29.13
CA ALA E 15 -12.97 14.82 28.84
C ALA E 15 -13.61 14.14 27.64
N HIS E 16 -14.93 13.95 27.71
CA HIS E 16 -15.69 13.35 26.62
C HIS E 16 -17.11 13.88 26.69
N VAL E 17 -17.54 14.60 25.66
CA VAL E 17 -18.86 15.22 25.62
C VAL E 17 -19.57 14.81 24.34
N VAL E 18 -20.90 14.70 24.43
CA VAL E 18 -21.71 14.27 23.30
C VAL E 18 -22.64 15.41 22.91
N ALA E 19 -23.07 15.38 21.66
CA ALA E 19 -23.94 16.43 21.13
C ALA E 19 -25.30 16.41 21.83
N ASN E 20 -25.93 17.57 21.88
CA ASN E 20 -27.25 17.73 22.49
C ASN E 20 -28.32 17.39 21.46
N PRO E 21 -29.03 16.26 21.61
CA PRO E 21 -30.09 15.95 20.63
C PRO E 21 -31.29 16.86 20.72
N GLN E 22 -31.52 17.50 21.87
CA GLN E 22 -32.63 18.43 22.00
C GLN E 22 -32.36 19.75 21.28
N ALA E 23 -31.10 20.05 20.97
CA ALA E 23 -30.80 21.28 20.25
C ALA E 23 -31.47 21.27 18.89
N GLU E 24 -31.75 22.46 18.37
CA GLU E 24 -32.46 22.62 17.11
C GLU E 24 -31.51 23.29 16.12
N GLY E 25 -30.85 22.47 15.30
CA GLY E 25 -29.99 22.98 14.25
C GLY E 25 -28.68 23.56 14.75
N GLN E 26 -27.99 22.82 15.62
CA GLN E 26 -26.69 23.27 16.13
C GLN E 26 -26.01 22.10 16.81
N LEU E 27 -24.71 22.24 17.02
CA LEU E 27 -23.87 21.23 17.64
C LEU E 27 -23.45 21.75 19.03
N GLN E 28 -24.32 21.53 20.01
CA GLN E 28 -24.06 21.93 21.38
C GLN E 28 -23.68 20.71 22.20
N TRP E 29 -22.64 20.86 23.03
CA TRP E 29 -22.09 19.76 23.79
C TRP E 29 -22.71 19.71 25.19
N LEU E 30 -22.63 18.53 25.79
CA LEU E 30 -23.03 18.31 27.18
C LEU E 30 -22.08 17.31 27.80
N ASN E 31 -21.90 17.42 29.12
CA ASN E 31 -20.85 16.69 29.83
C ASN E 31 -21.39 15.53 30.66
N ARG E 32 -22.63 15.12 30.46
CA ARG E 32 -23.21 14.03 31.24
C ARG E 32 -23.03 12.70 30.52
N ALA E 36 -20.85 12.88 35.35
CA ALA E 36 -20.28 13.70 34.29
C ALA E 36 -18.95 13.14 33.84
N LEU E 37 -18.72 13.15 32.52
CA LEU E 37 -17.47 12.67 31.95
C LEU E 37 -16.39 13.75 31.90
N LEU E 38 -16.73 15.00 32.23
CA LEU E 38 -15.74 16.07 32.34
C LEU E 38 -15.16 16.04 33.76
N ALA E 39 -13.88 15.71 33.87
CA ALA E 39 -13.28 15.47 35.17
C ALA E 39 -11.80 15.82 35.14
N ASN E 40 -11.21 15.84 36.33
CA ASN E 40 -9.76 15.98 36.50
C ASN E 40 -9.23 17.24 35.82
N GLY E 41 -9.88 18.37 36.10
CA GLY E 41 -9.38 19.65 35.63
C GLY E 41 -10.09 20.21 34.42
N VAL E 42 -10.28 19.39 33.38
CA VAL E 42 -10.89 19.91 32.16
C VAL E 42 -12.27 20.46 32.47
N GLU E 43 -12.66 21.50 31.72
CA GLU E 43 -13.95 22.14 31.91
C GLU E 43 -14.52 22.54 30.55
N LEU E 44 -15.84 22.66 30.50
CA LEU E 44 -16.58 23.01 29.29
C LEU E 44 -17.22 24.38 29.48
N ARG E 45 -16.79 25.36 28.69
CA ARG E 45 -17.31 26.72 28.78
C ARG E 45 -17.40 27.31 27.37
N ASP E 46 -18.54 27.91 27.07
CA ASP E 46 -18.77 28.51 25.75
C ASP E 46 -18.69 27.46 24.64
N ASN E 47 -19.14 26.24 24.94
CA ASN E 47 -19.11 25.12 24.00
C ASN E 47 -17.68 24.71 23.65
N GLN E 48 -16.72 25.07 24.50
CA GLN E 48 -15.30 24.82 24.25
C GLN E 48 -14.70 24.03 25.41
N LEU E 49 -13.73 23.19 25.08
CA LEU E 49 -13.01 22.41 26.09
C LEU E 49 -11.77 23.19 26.55
N VAL E 50 -11.66 23.39 27.86
CA VAL E 50 -10.61 24.20 28.45
C VAL E 50 -9.54 23.28 29.03
N VAL E 51 -8.30 23.49 28.62
CA VAL E 51 -7.19 22.65 29.08
C VAL E 51 -6.75 23.13 30.46
N PRO E 52 -6.64 22.24 31.46
CA PRO E 52 -6.26 22.70 32.81
C PRO E 52 -4.77 22.87 33.01
N SER E 53 -3.96 22.08 32.32
CA SER E 53 -2.51 22.13 32.46
C SER E 53 -1.86 21.89 31.11
N GLU E 54 -0.67 22.48 30.94
CA GLU E 54 0.09 22.28 29.71
C GLU E 54 0.47 20.80 29.57
N GLY E 55 0.69 20.39 28.33
CA GLY E 55 1.12 19.04 28.05
C GLY E 55 0.56 18.58 26.72
N LEU E 56 0.79 17.31 26.42
CA LEU E 56 0.27 16.69 25.21
C LEU E 56 -1.09 16.06 25.51
N TYR E 57 -2.04 16.28 24.60
CA TYR E 57 -3.39 15.74 24.72
C TYR E 57 -3.77 15.02 23.43
N LEU E 58 -4.55 13.95 23.58
CA LEU E 58 -5.19 13.30 22.44
C LEU E 58 -6.52 14.02 22.18
N ILE E 59 -6.62 14.69 21.04
CA ILE E 59 -7.83 15.38 20.63
C ILE E 59 -8.58 14.52 19.62
N TYR E 60 -9.84 14.23 19.91
CA TYR E 60 -10.67 13.47 18.99
C TYR E 60 -12.07 14.05 18.96
N SER E 61 -12.82 13.68 17.92
CA SER E 61 -14.19 14.14 17.74
C SER E 61 -14.80 13.39 16.58
N GLN E 62 -16.10 13.16 16.65
CA GLN E 62 -16.82 12.48 15.59
C GLN E 62 -18.21 13.09 15.47
N VAL E 63 -18.67 13.24 14.22
CA VAL E 63 -20.01 13.75 13.93
C VAL E 63 -20.62 12.89 12.83
N LEU E 64 -21.94 12.85 12.81
CA LEU E 64 -22.69 12.11 11.80
C LEU E 64 -23.66 13.04 11.09
N PHE E 65 -23.72 12.93 9.77
CA PHE E 65 -24.61 13.73 8.95
C PHE E 65 -25.61 12.83 8.23
N LYS E 66 -26.79 13.38 7.96
CA LYS E 66 -27.86 12.64 7.31
C LYS E 66 -28.63 13.57 6.39
N GLY E 67 -29.08 13.03 5.26
CA GLY E 67 -29.93 13.77 4.36
C GLY E 67 -30.98 12.86 3.75
N GLN E 68 -32.02 13.49 3.20
CA GLN E 68 -33.12 12.79 2.56
C GLN E 68 -33.05 13.11 1.06
N GLY E 69 -32.15 12.42 0.37
CA GLY E 69 -31.92 12.69 -1.04
C GLY E 69 -30.80 13.68 -1.27
N CYS E 70 -30.59 14.02 -2.53
CA CYS E 70 -29.52 14.91 -2.93
C CYS E 70 -30.09 16.16 -3.61
N PRO E 71 -29.57 17.36 -3.26
CA PRO E 71 -30.01 18.57 -3.97
C PRO E 71 -29.36 18.68 -5.35
N SER E 72 -29.29 19.89 -5.88
CA SER E 72 -28.68 20.12 -7.20
C SER E 72 -27.16 20.31 -7.06
N THR E 73 -26.75 21.41 -6.46
CA THR E 73 -25.34 21.75 -6.34
C THR E 73 -24.69 20.92 -5.24
N HIS E 74 -23.35 20.90 -5.25
CA HIS E 74 -22.59 20.13 -4.27
C HIS E 74 -23.02 20.47 -2.85
N VAL E 75 -23.07 19.44 -2.02
CA VAL E 75 -23.24 19.58 -0.58
C VAL E 75 -21.87 19.40 0.06
N LEU E 76 -21.44 20.38 0.85
CA LEU E 76 -20.12 20.36 1.47
C LEU E 76 -20.27 20.26 2.99
N LEU E 77 -19.77 19.16 3.54
CA LEU E 77 -19.85 18.89 4.97
C LEU E 77 -18.44 18.94 5.54
N THR E 78 -18.27 19.71 6.62
CA THR E 78 -16.96 19.91 7.23
C THR E 78 -17.05 19.68 8.73
N HIS E 79 -15.96 19.15 9.28
CA HIS E 79 -15.79 18.98 10.71
C HIS E 79 -14.40 19.50 11.06
N THR E 80 -14.34 20.49 11.94
CA THR E 80 -13.10 21.20 12.24
C THR E 80 -12.89 21.26 13.74
N ILE E 81 -11.66 20.95 14.18
CA ILE E 81 -11.24 21.14 15.56
C ILE E 81 -10.17 22.22 15.56
N SER E 82 -10.35 23.22 16.44
CA SER E 82 -9.44 24.36 16.49
C SER E 82 -9.21 24.76 17.94
N ARG E 83 -8.14 25.51 18.17
CA ARG E 83 -7.76 25.93 19.51
C ARG E 83 -7.94 27.44 19.67
N GLN E 89 -5.59 35.77 21.57
CA GLN E 89 -6.83 35.23 21.02
C GLN E 89 -6.78 35.20 19.50
N THR E 90 -6.58 34.00 18.94
CA THR E 90 -6.57 33.81 17.50
C THR E 90 -6.76 32.33 17.21
N LYS E 91 -7.69 32.00 16.32
CA LYS E 91 -8.07 30.62 16.09
C LYS E 91 -7.09 29.94 15.14
N VAL E 92 -6.94 28.62 15.32
CA VAL E 92 -6.07 27.80 14.49
C VAL E 92 -6.71 26.42 14.35
N ASN E 93 -6.76 25.91 13.12
CA ASN E 93 -7.32 24.59 12.86
C ASN E 93 -6.30 23.52 13.17
N LEU E 94 -6.68 22.56 14.01
CA LEU E 94 -5.83 21.42 14.32
C LEU E 94 -6.17 20.22 13.42
N LEU E 95 -7.44 19.86 13.35
CA LEU E 95 -7.92 18.80 12.49
C LEU E 95 -9.12 19.29 11.69
N SER E 96 -9.24 18.78 10.46
CA SER E 96 -10.35 19.15 9.61
C SER E 96 -10.54 18.07 8.54
N ALA E 97 -11.80 17.92 8.10
CA ALA E 97 -12.13 16.94 7.08
C ALA E 97 -13.34 17.44 6.31
N ILE E 98 -13.46 16.96 5.07
CA ILE E 98 -14.52 17.40 4.16
C ILE E 98 -15.12 16.17 3.49
N LYS E 99 -16.43 16.21 3.23
CA LYS E 99 -17.13 15.11 2.58
C LYS E 99 -18.08 15.64 1.52
N SER E 100 -18.26 14.84 0.48
CA SER E 100 -19.12 15.17 -0.67
C SER E 100 -20.02 13.97 -0.93
N PRO E 101 -21.20 13.92 -0.29
CA PRO E 101 -22.07 12.73 -0.40
C PRO E 101 -22.98 12.70 -1.62
N CYS E 102 -22.95 13.70 -2.49
CA CYS E 102 -23.89 13.79 -3.60
C CYS E 102 -23.12 14.02 -4.90
N GLN E 103 -23.24 13.07 -5.83
CA GLN E 103 -22.69 13.20 -7.18
C GLN E 103 -23.81 13.16 -8.22
N ARG E 104 -24.99 13.65 -7.85
CA ARG E 104 -26.13 13.68 -8.76
C ARG E 104 -27.26 14.53 -8.17
N ALA E 112 -36.47 9.73 -0.41
CA ALA E 112 -36.20 9.06 -1.68
C ALA E 112 -34.85 8.33 -1.64
N LYS E 113 -33.77 9.10 -1.73
CA LYS E 113 -32.41 8.58 -1.77
C LYS E 113 -31.64 9.06 -0.54
N PRO E 114 -32.03 8.62 0.65
CA PRO E 114 -31.34 9.04 1.87
C PRO E 114 -29.86 8.69 1.83
N TRP E 115 -29.11 9.30 2.75
CA TRP E 115 -27.68 9.08 2.82
C TRP E 115 -27.19 9.48 4.20
N TYR E 116 -26.02 8.97 4.55
CA TYR E 116 -25.34 9.35 5.77
C TYR E 116 -23.85 9.48 5.47
N GLU E 117 -23.13 10.16 6.37
CA GLU E 117 -21.71 10.40 6.14
C GLU E 117 -21.03 10.77 7.44
N PRO E 118 -20.18 9.91 8.00
CA PRO E 118 -19.48 10.24 9.24
C PRO E 118 -18.17 10.98 8.98
N ILE E 119 -17.71 11.65 10.03
CA ILE E 119 -16.40 12.30 10.02
C ILE E 119 -15.78 12.14 11.40
N TYR E 120 -14.67 11.41 11.47
CA TYR E 120 -13.89 11.28 12.69
C TYR E 120 -12.57 12.02 12.53
N LEU E 121 -12.12 12.64 13.61
CA LEU E 121 -10.86 13.36 13.65
C LEU E 121 -10.07 12.89 14.86
N GLY E 122 -8.77 12.71 14.68
CA GLY E 122 -7.91 12.29 15.76
C GLY E 122 -6.48 12.76 15.60
N GLY E 123 -5.83 13.11 16.71
CA GLY E 123 -4.45 13.55 16.65
C GLY E 123 -3.97 13.96 18.02
N VAL E 124 -2.66 14.16 18.10
CA VAL E 124 -1.99 14.61 19.33
C VAL E 124 -1.42 16.01 19.08
N PHE E 125 -1.56 16.88 20.07
CA PHE E 125 -1.18 18.27 19.91
C PHE E 125 -0.61 18.80 21.22
N GLN E 126 0.34 19.74 21.09
CA GLN E 126 0.95 20.40 22.24
C GLN E 126 0.05 21.56 22.64
N LEU E 127 -0.71 21.38 23.71
CA LEU E 127 -1.66 22.37 24.18
C LEU E 127 -1.09 23.17 25.34
N GLU E 128 -1.66 24.35 25.55
CA GLU E 128 -1.29 25.24 26.65
C GLU E 128 -2.42 25.31 27.66
N LYS E 129 -2.06 25.69 28.89
CA LYS E 129 -3.06 25.85 29.94
C LYS E 129 -3.99 27.00 29.61
N GLY E 130 -5.27 26.84 29.95
CA GLY E 130 -6.26 27.86 29.72
C GLY E 130 -6.70 28.02 28.28
N ASP E 131 -6.12 27.26 27.34
CA ASP E 131 -6.50 27.34 25.95
C ASP E 131 -7.78 26.54 25.71
N ARG E 132 -8.64 27.08 24.84
CA ARG E 132 -9.96 26.51 24.58
C ARG E 132 -9.99 25.81 23.24
N LEU E 133 -10.64 24.65 23.19
CA LEU E 133 -10.77 23.86 21.98
C LEU E 133 -12.23 23.82 21.55
N SER E 134 -12.46 23.88 20.23
CA SER E 134 -13.80 23.91 19.66
C SER E 134 -13.88 22.93 18.51
N ALA E 135 -14.95 22.13 18.49
CA ALA E 135 -15.24 21.20 17.39
C ALA E 135 -16.55 21.65 16.75
N GLU E 136 -16.46 22.14 15.52
CA GLU E 136 -17.59 22.77 14.86
C GLU E 136 -17.80 22.18 13.48
N ILE E 137 -19.03 22.33 12.98
CA ILE E 137 -19.41 21.84 11.66
C ILE E 137 -20.04 22.99 10.89
N ASN E 138 -20.11 22.82 9.57
CA ASN E 138 -20.64 23.86 8.69
C ASN E 138 -22.11 23.66 8.34
N ARG E 139 -22.63 22.45 8.45
CA ARG E 139 -24.03 22.14 8.14
C ARG E 139 -24.67 21.48 9.35
N PRO E 140 -25.06 22.26 10.37
CA PRO E 140 -25.81 21.68 11.48
C PRO E 140 -27.20 21.18 11.10
N ASP E 141 -27.75 21.65 9.96
CA ASP E 141 -29.02 21.12 9.49
C ASP E 141 -28.93 19.64 9.17
N TYR E 142 -27.74 19.16 8.83
CA TYR E 142 -27.54 17.75 8.48
C TYR E 142 -27.07 16.89 9.65
N LEU E 143 -26.67 17.49 10.77
CA LEU E 143 -26.29 16.71 11.93
C LEU E 143 -27.47 15.86 12.40
N ASP E 144 -27.15 14.70 12.97
CA ASP E 144 -28.17 13.79 13.48
C ASP E 144 -27.49 12.69 14.28
N PHE E 145 -28.29 11.78 14.81
CA PHE E 145 -27.80 10.62 15.56
C PHE E 145 -27.08 11.02 16.84
N ALA E 146 -27.45 12.16 17.42
CA ALA E 146 -26.80 12.61 18.65
C ALA E 146 -27.16 11.72 19.82
N GLU E 147 -28.41 11.26 19.89
CA GLU E 147 -28.85 10.45 21.02
C GLU E 147 -28.13 9.11 21.10
N SER E 148 -27.48 8.67 20.02
CA SER E 148 -26.72 7.43 20.07
C SER E 148 -25.40 7.58 20.80
N GLY E 149 -24.93 8.80 21.00
CA GLY E 149 -23.65 9.03 21.65
C GLY E 149 -22.46 8.96 20.72
N GLN E 150 -22.67 8.82 19.41
CA GLN E 150 -21.58 8.76 18.46
C GLN E 150 -21.17 10.13 17.94
N VAL E 151 -21.93 11.18 18.26
CA VAL E 151 -21.53 12.56 18.00
C VAL E 151 -20.87 13.05 19.29
N TYR E 152 -19.54 13.08 19.31
CA TYR E 152 -18.82 13.34 20.55
C TYR E 152 -17.61 14.24 20.30
N PHE E 153 -16.88 14.50 21.37
CA PHE E 153 -15.75 15.41 21.39
C PHE E 153 -15.03 15.20 22.72
N GLY E 154 -13.71 15.01 22.71
CA GLY E 154 -13.00 14.72 23.94
C GLY E 154 -11.51 14.93 23.80
N ILE E 155 -10.88 15.22 24.92
CA ILE E 155 -9.43 15.29 25.02
C ILE E 155 -8.97 14.31 26.09
N ILE E 156 -7.75 13.79 25.92
CA ILE E 156 -7.15 12.88 26.88
C ILE E 156 -5.68 13.28 27.04
N ALA E 157 -5.31 13.74 28.23
CA ALA E 157 -3.94 14.11 28.50
C ALA E 157 -3.07 12.87 28.54
N LEU E 158 -2.15 12.76 27.58
CA LEU E 158 -1.27 11.59 27.50
C LEU E 158 -0.36 11.53 28.72
N SER F 6 34.15 16.34 -19.93
CA SER F 6 32.88 16.05 -20.60
C SER F 6 32.59 14.55 -20.61
N ARG F 7 31.69 14.13 -19.72
CA ARG F 7 31.30 12.73 -19.60
C ARG F 7 29.95 12.51 -20.26
N THR F 8 29.87 11.51 -21.12
CA THR F 8 28.70 11.21 -21.93
C THR F 8 28.23 9.77 -21.69
N PRO F 9 26.93 9.49 -21.83
CA PRO F 9 26.49 8.10 -21.71
C PRO F 9 27.22 7.14 -22.63
N SER F 10 27.64 7.60 -23.81
CA SER F 10 28.39 6.74 -24.72
C SER F 10 29.78 6.40 -24.18
N ASP F 11 30.24 7.11 -23.15
CA ASP F 11 31.53 6.83 -22.53
C ASP F 11 31.43 5.92 -21.32
N LYS F 12 30.29 5.94 -20.62
CA LYS F 12 30.15 5.13 -19.42
C LYS F 12 30.08 3.66 -19.80
N PRO F 13 30.81 2.77 -19.10
CA PRO F 13 30.79 1.36 -19.48
C PRO F 13 29.39 0.76 -19.44
N VAL F 14 29.18 -0.24 -20.30
CA VAL F 14 27.93 -0.99 -20.38
C VAL F 14 28.29 -2.43 -20.68
N ALA F 15 27.45 -3.36 -20.21
CA ALA F 15 27.69 -4.77 -20.45
C ALA F 15 26.38 -5.54 -20.27
N HIS F 16 26.13 -6.47 -21.19
CA HIS F 16 24.96 -7.34 -21.12
C HIS F 16 25.35 -8.67 -21.76
N VAL F 17 25.44 -9.73 -20.95
CA VAL F 17 25.78 -11.05 -21.44
C VAL F 17 24.56 -11.95 -21.31
N VAL F 18 24.57 -13.05 -22.06
CA VAL F 18 23.45 -13.97 -22.10
C VAL F 18 23.96 -15.38 -21.85
N ALA F 19 23.08 -16.25 -21.33
CA ALA F 19 23.46 -17.61 -21.02
C ALA F 19 23.63 -18.42 -22.29
N ASN F 20 24.76 -19.10 -22.42
CA ASN F 20 25.01 -19.97 -23.56
C ASN F 20 24.04 -21.14 -23.52
N PRO F 21 23.15 -21.28 -24.50
CA PRO F 21 22.16 -22.38 -24.43
C PRO F 21 22.77 -23.75 -24.68
N GLN F 22 23.85 -23.85 -25.47
CA GLN F 22 24.51 -25.13 -25.70
C GLN F 22 25.61 -25.34 -24.65
N ALA F 23 25.18 -25.35 -23.39
CA ALA F 23 26.07 -25.57 -22.25
C ALA F 23 25.29 -26.34 -21.20
N GLU F 24 25.09 -27.63 -21.45
CA GLU F 24 24.31 -28.47 -20.56
C GLU F 24 24.90 -28.48 -19.16
N GLY F 25 24.04 -28.29 -18.16
CA GLY F 25 24.48 -28.30 -16.77
C GLY F 25 25.40 -27.16 -16.39
N GLN F 26 25.38 -26.07 -17.16
CA GLN F 26 26.25 -24.94 -16.87
C GLN F 26 25.54 -23.64 -17.23
N LEU F 27 25.72 -22.63 -16.38
CA LEU F 27 25.25 -21.27 -16.65
C LEU F 27 26.46 -20.47 -17.12
N GLN F 28 26.75 -20.54 -18.42
CA GLN F 28 27.90 -19.87 -19.00
C GLN F 28 27.44 -18.64 -19.78
N TRP F 29 28.17 -17.54 -19.62
CA TRP F 29 27.81 -16.28 -20.25
C TRP F 29 28.53 -16.11 -21.58
N LEU F 30 27.82 -15.55 -22.55
CA LEU F 30 28.39 -15.23 -23.85
C LEU F 30 28.42 -13.73 -24.07
N LEU F 37 27.43 -7.83 -25.63
CA LEU F 37 27.67 -6.51 -26.20
C LEU F 37 28.47 -5.63 -25.25
N LEU F 38 29.50 -6.22 -24.64
CA LEU F 38 30.35 -5.48 -23.71
C LEU F 38 30.91 -4.23 -24.38
N ALA F 39 31.10 -3.18 -23.58
CA ALA F 39 31.53 -1.89 -24.10
C ALA F 39 32.43 -1.18 -23.10
N ASN F 40 33.32 -0.36 -23.64
CA ASN F 40 34.19 0.53 -22.86
C ASN F 40 34.75 -0.11 -21.60
N GLY F 41 35.68 -1.05 -21.76
CA GLY F 41 36.50 -1.54 -20.67
C GLY F 41 36.00 -2.80 -20.00
N VAL F 42 34.68 -2.98 -19.91
CA VAL F 42 34.15 -4.15 -19.23
C VAL F 42 34.61 -5.42 -19.95
N GLU F 43 34.96 -6.44 -19.16
CA GLU F 43 35.43 -7.70 -19.70
C GLU F 43 34.65 -8.85 -19.06
N LEU F 44 34.53 -9.94 -19.82
CA LEU F 44 33.92 -11.18 -19.35
C LEU F 44 35.03 -12.22 -19.27
N ARG F 45 35.54 -12.44 -18.06
CA ARG F 45 36.62 -13.39 -17.82
C ARG F 45 36.17 -14.43 -16.80
N ASP F 46 36.45 -15.69 -17.09
CA ASP F 46 36.13 -16.80 -16.19
C ASP F 46 34.65 -16.76 -15.80
N ASN F 47 33.80 -16.49 -16.79
CA ASN F 47 32.35 -16.46 -16.61
C ASN F 47 31.91 -15.39 -15.63
N GLN F 48 32.73 -14.37 -15.40
CA GLN F 48 32.36 -13.28 -14.50
C GLN F 48 32.80 -11.95 -15.11
N LEU F 49 31.99 -10.92 -14.88
CA LEU F 49 32.25 -9.60 -15.44
C LEU F 49 33.32 -8.88 -14.64
N VAL F 50 34.08 -8.03 -15.34
CA VAL F 50 35.20 -7.31 -14.76
C VAL F 50 34.91 -5.82 -14.86
N VAL F 51 34.97 -5.13 -13.72
CA VAL F 51 34.67 -3.71 -13.65
C VAL F 51 35.91 -2.93 -14.07
N PRO F 52 35.83 -2.04 -15.06
CA PRO F 52 37.04 -1.32 -15.50
C PRO F 52 37.30 -0.03 -14.75
N SER F 53 36.29 0.53 -14.07
CA SER F 53 36.44 1.83 -13.44
C SER F 53 35.65 1.88 -12.13
N GLU F 54 36.10 2.72 -11.22
CA GLU F 54 35.42 2.94 -9.97
C GLU F 54 34.21 3.84 -10.19
N GLY F 55 33.16 3.60 -9.42
CA GLY F 55 31.96 4.38 -9.50
C GLY F 55 30.75 3.55 -9.14
N LEU F 56 29.57 4.14 -9.36
CA LEU F 56 28.31 3.47 -9.09
C LEU F 56 27.85 2.70 -10.32
N TYR F 57 27.24 1.54 -10.09
CA TYR F 57 26.83 0.66 -11.17
C TYR F 57 25.45 0.09 -10.87
N LEU F 58 24.67 -0.10 -11.93
CA LEU F 58 23.42 -0.87 -11.86
C LEU F 58 23.76 -2.31 -12.23
N ILE F 59 23.61 -3.22 -11.28
CA ILE F 59 23.88 -4.64 -11.47
C ILE F 59 22.53 -5.36 -11.56
N TYR F 60 22.41 -6.25 -12.54
CA TYR F 60 21.16 -6.99 -12.72
C TYR F 60 21.45 -8.34 -13.35
N SER F 61 20.48 -9.24 -13.22
CA SER F 61 20.55 -10.56 -13.82
C SER F 61 19.19 -11.22 -13.69
N GLN F 62 18.94 -12.20 -14.56
CA GLN F 62 17.70 -12.96 -14.53
C GLN F 62 18.00 -14.39 -14.94
N VAL F 63 17.30 -15.33 -14.31
CA VAL F 63 17.44 -16.75 -14.63
C VAL F 63 16.04 -17.36 -14.68
N LEU F 64 15.91 -18.44 -15.44
CA LEU F 64 14.64 -19.14 -15.61
C LEU F 64 14.85 -20.62 -15.34
N PHE F 65 14.10 -21.16 -14.39
CA PHE F 65 14.17 -22.57 -14.04
C PHE F 65 12.91 -23.28 -14.52
N LYS F 66 13.09 -24.49 -15.06
CA LYS F 66 11.97 -25.31 -15.49
C LYS F 66 12.23 -26.76 -15.10
N GLY F 67 11.16 -27.44 -14.67
CA GLY F 67 11.25 -28.84 -14.31
C GLY F 67 9.97 -29.56 -14.68
N GLN F 68 10.11 -30.86 -14.91
CA GLN F 68 8.98 -31.71 -15.27
C GLN F 68 8.61 -32.54 -14.03
N GLY F 69 7.67 -32.02 -13.25
CA GLY F 69 7.20 -32.69 -12.05
C GLY F 69 7.98 -32.30 -10.82
N CYS F 70 7.50 -32.80 -9.68
CA CYS F 70 8.07 -32.48 -8.37
C CYS F 70 8.46 -33.75 -7.64
N PRO F 71 9.76 -34.07 -7.55
CA PRO F 71 10.17 -35.26 -6.80
C PRO F 71 10.15 -35.03 -5.30
N SER F 72 10.92 -34.05 -4.83
CA SER F 72 10.93 -33.67 -3.43
C SER F 72 9.95 -32.52 -3.20
N THR F 73 9.62 -32.30 -1.92
CA THR F 73 8.70 -31.24 -1.55
C THR F 73 9.38 -29.91 -1.31
N HIS F 74 10.72 -29.88 -1.22
CA HIS F 74 11.47 -28.64 -1.08
C HIS F 74 12.63 -28.66 -2.09
N VAL F 75 12.39 -28.07 -3.26
CA VAL F 75 13.41 -27.84 -4.27
C VAL F 75 13.83 -26.39 -4.12
N LEU F 76 15.00 -26.16 -3.50
CA LEU F 76 15.48 -24.81 -3.26
C LEU F 76 16.23 -24.33 -4.48
N LEU F 77 15.67 -23.32 -5.16
CA LEU F 77 16.27 -22.69 -6.32
C LEU F 77 16.79 -21.32 -5.92
N THR F 78 18.07 -21.08 -6.16
CA THR F 78 18.71 -19.84 -5.74
C THR F 78 19.41 -19.19 -6.93
N HIS F 79 19.43 -17.86 -6.91
CA HIS F 79 20.16 -17.06 -7.88
C HIS F 79 20.83 -15.93 -7.10
N THR F 80 22.14 -15.79 -7.27
CA THR F 80 22.90 -14.87 -6.44
C THR F 80 23.91 -14.11 -7.30
N ILE F 81 24.03 -12.82 -7.05
CA ILE F 81 25.08 -11.97 -7.63
C ILE F 81 26.08 -11.65 -6.54
N SER F 82 27.36 -11.84 -6.84
CA SER F 82 28.42 -11.67 -5.85
C SER F 82 29.50 -10.76 -6.42
N ARG F 83 30.51 -10.50 -5.60
CA ARG F 83 31.61 -9.60 -5.95
C ARG F 83 32.89 -10.18 -5.39
N ILE F 84 33.81 -10.58 -6.27
CA ILE F 84 35.14 -11.01 -5.88
C ILE F 84 36.05 -9.79 -6.07
N ALA F 85 36.28 -9.07 -4.98
CA ALA F 85 37.07 -7.84 -5.04
C ALA F 85 38.54 -8.13 -5.33
N TYR F 88 40.84 -7.95 -0.64
CA TYR F 88 40.23 -8.97 0.22
C TYR F 88 40.35 -10.35 -0.42
N GLN F 89 40.02 -10.43 -1.71
CA GLN F 89 40.00 -11.70 -2.44
C GLN F 89 39.02 -12.67 -1.81
N THR F 90 37.95 -12.15 -1.21
CA THR F 90 36.91 -12.94 -0.58
C THR F 90 35.56 -12.53 -1.16
N LYS F 91 34.82 -13.51 -1.66
CA LYS F 91 33.54 -13.24 -2.31
C LYS F 91 32.56 -12.62 -1.32
N VAL F 92 31.82 -11.60 -1.79
CA VAL F 92 30.75 -10.99 -1.02
C VAL F 92 29.50 -10.96 -1.89
N ASN F 93 28.38 -11.41 -1.33
CA ASN F 93 27.13 -11.46 -2.06
C ASN F 93 26.51 -10.06 -2.10
N LEU F 94 26.08 -9.63 -3.27
CA LEU F 94 25.40 -8.36 -3.46
C LEU F 94 23.89 -8.51 -3.52
N LEU F 95 23.40 -9.50 -4.26
CA LEU F 95 21.98 -9.77 -4.38
C LEU F 95 21.76 -11.28 -4.31
N SER F 96 20.57 -11.67 -3.88
CA SER F 96 20.26 -13.09 -3.71
C SER F 96 18.75 -13.27 -3.68
N ALA F 97 18.31 -14.49 -3.98
CA ALA F 97 16.90 -14.83 -3.97
C ALA F 97 16.75 -16.33 -3.95
N ILE F 98 15.54 -16.78 -3.55
CA ILE F 98 15.26 -18.20 -3.36
C ILE F 98 13.84 -18.48 -3.86
N LYS F 99 13.64 -19.71 -4.34
CA LYS F 99 12.33 -20.13 -4.83
C LYS F 99 12.13 -21.61 -4.57
N SER F 100 10.98 -21.97 -4.00
CA SER F 100 10.59 -23.35 -3.73
C SER F 100 9.35 -23.68 -4.56
N PRO F 101 9.52 -24.14 -5.80
CA PRO F 101 8.35 -24.37 -6.66
C PRO F 101 7.47 -25.54 -6.24
N CYS F 102 7.98 -26.49 -5.46
CA CYS F 102 7.31 -27.76 -5.25
C CYS F 102 6.68 -27.83 -3.86
N GLN F 103 5.51 -28.47 -3.79
CA GLN F 103 4.86 -28.74 -2.51
C GLN F 103 4.28 -30.16 -2.45
N ARG F 104 4.64 -31.03 -3.38
CA ARG F 104 4.12 -32.40 -3.40
C ARG F 104 5.03 -33.34 -4.17
N ALA F 112 3.69 -36.13 -14.09
CA ALA F 112 4.57 -35.00 -13.81
C ALA F 112 4.02 -33.72 -14.42
N LYS F 113 3.67 -32.77 -13.56
CA LYS F 113 3.16 -31.47 -14.01
C LYS F 113 4.34 -30.51 -14.17
N PRO F 114 4.58 -29.96 -15.36
CA PRO F 114 5.71 -29.04 -15.51
C PRO F 114 5.53 -27.78 -14.66
N TRP F 115 6.65 -27.17 -14.31
CA TRP F 115 6.66 -25.96 -13.50
C TRP F 115 7.81 -25.06 -13.97
N TYR F 116 7.68 -23.77 -13.72
CA TYR F 116 8.71 -22.81 -14.07
C TYR F 116 8.79 -21.74 -12.99
N GLU F 117 9.99 -21.21 -12.79
CA GLU F 117 10.25 -20.18 -11.79
C GLU F 117 11.26 -19.17 -12.29
N PRO F 118 10.89 -17.89 -12.42
CA PRO F 118 11.89 -16.87 -12.77
C PRO F 118 12.44 -16.18 -11.53
N ILE F 119 13.73 -15.86 -11.54
CA ILE F 119 14.35 -15.10 -10.46
C ILE F 119 15.08 -13.92 -11.10
N TYR F 120 14.57 -12.72 -10.86
CA TYR F 120 15.22 -11.49 -11.30
C TYR F 120 15.93 -10.83 -10.13
N LEU F 121 17.11 -10.28 -10.40
CA LEU F 121 17.89 -9.55 -9.42
C LEU F 121 18.27 -8.19 -9.99
N GLY F 122 18.12 -7.16 -9.18
CA GLY F 122 18.45 -5.81 -9.60
C GLY F 122 18.76 -4.89 -8.44
N GLY F 123 19.85 -4.14 -8.53
CA GLY F 123 20.22 -3.22 -7.46
C GLY F 123 21.39 -2.36 -7.89
N VAL F 124 21.60 -1.29 -7.13
CA VAL F 124 22.66 -0.32 -7.38
C VAL F 124 23.74 -0.52 -6.33
N PHE F 125 25.00 -0.64 -6.78
CA PHE F 125 26.11 -0.92 -5.89
C PHE F 125 27.31 -0.08 -6.29
N GLN F 126 28.22 0.10 -5.33
CA GLN F 126 29.48 0.77 -5.54
C GLN F 126 30.56 -0.27 -5.80
N LEU F 127 31.37 -0.05 -6.83
CA LEU F 127 32.40 -1.01 -7.23
C LEU F 127 33.72 -0.27 -7.39
N GLU F 128 34.79 -1.06 -7.52
CA GLU F 128 36.15 -0.54 -7.60
C GLU F 128 36.85 -1.12 -8.82
N LYS F 129 37.75 -0.32 -9.40
CA LYS F 129 38.52 -0.73 -10.56
C LYS F 129 39.12 -2.11 -10.36
N GLY F 130 38.69 -3.07 -11.20
CA GLY F 130 39.18 -4.42 -11.15
C GLY F 130 38.24 -5.41 -10.50
N ASP F 131 37.12 -4.95 -9.93
CA ASP F 131 36.16 -5.87 -9.32
C ASP F 131 35.70 -6.92 -10.32
N ARG F 132 35.39 -8.11 -9.81
CA ARG F 132 34.92 -9.23 -10.62
C ARG F 132 33.53 -9.61 -10.14
N LEU F 133 32.53 -9.39 -10.98
CA LEU F 133 31.14 -9.65 -10.64
C LEU F 133 30.72 -11.01 -11.20
N SER F 134 30.00 -11.77 -10.39
CA SER F 134 29.57 -13.12 -10.73
C SER F 134 28.08 -13.27 -10.46
N ALA F 135 27.43 -14.09 -11.29
CA ALA F 135 26.03 -14.44 -11.13
C ALA F 135 25.89 -15.95 -11.28
N GLU F 136 25.48 -16.62 -10.22
CA GLU F 136 25.51 -18.08 -10.16
C GLU F 136 24.20 -18.61 -9.61
N ILE F 137 23.92 -19.88 -9.92
CA ILE F 137 22.72 -20.58 -9.48
C ILE F 137 23.13 -21.92 -8.91
N ASN F 138 22.24 -22.48 -8.09
CA ASN F 138 22.52 -23.73 -7.39
C ASN F 138 22.09 -24.97 -8.17
N ARG F 139 21.15 -24.83 -9.11
CA ARG F 139 20.64 -25.96 -9.89
C ARG F 139 20.75 -25.64 -11.37
N PRO F 140 21.97 -25.66 -11.93
CA PRO F 140 22.10 -25.48 -13.39
C PRO F 140 21.35 -26.55 -14.18
N ASP F 141 21.07 -27.70 -13.58
CA ASP F 141 20.26 -28.71 -14.27
C ASP F 141 18.87 -28.19 -14.61
N TYR F 142 18.30 -27.36 -13.75
CA TYR F 142 16.96 -26.82 -13.95
C TYR F 142 16.95 -25.56 -14.81
N LEU F 143 18.10 -25.10 -15.29
CA LEU F 143 18.15 -23.91 -16.12
C LEU F 143 17.59 -24.20 -17.52
N ASP F 144 16.76 -23.29 -18.01
CA ASP F 144 16.15 -23.45 -19.33
C ASP F 144 15.91 -22.08 -19.94
N PHE F 145 15.50 -22.08 -21.20
CA PHE F 145 15.09 -20.88 -21.93
C PHE F 145 16.26 -19.94 -22.24
N ALA F 146 17.50 -20.43 -22.17
CA ALA F 146 18.64 -19.57 -22.46
C ALA F 146 18.68 -19.09 -23.90
N GLU F 147 17.84 -19.66 -24.79
CA GLU F 147 17.81 -19.25 -26.17
C GLU F 147 16.94 -18.01 -26.40
N SER F 148 16.04 -17.72 -25.46
CA SER F 148 15.16 -16.55 -25.58
C SER F 148 15.86 -15.25 -25.22
N GLY F 149 17.08 -15.30 -24.68
CA GLY F 149 17.76 -14.11 -24.23
C GLY F 149 17.26 -13.56 -22.91
N GLN F 150 16.33 -14.25 -22.25
CA GLN F 150 15.82 -13.81 -20.95
C GLN F 150 16.67 -14.28 -19.79
N VAL F 151 17.68 -15.09 -20.02
CA VAL F 151 18.67 -15.46 -19.01
C VAL F 151 19.89 -14.59 -19.29
N TYR F 152 20.11 -13.57 -18.46
CA TYR F 152 21.11 -12.56 -18.75
C TYR F 152 21.80 -12.10 -17.48
N PHE F 153 22.83 -11.29 -17.68
CA PHE F 153 23.64 -10.74 -16.60
C PHE F 153 24.34 -9.52 -17.18
N GLY F 154 24.20 -8.37 -16.53
CA GLY F 154 24.79 -7.16 -17.08
C GLY F 154 24.98 -6.10 -16.04
N ILE F 155 25.73 -5.07 -16.41
CA ILE F 155 25.98 -3.93 -15.55
C ILE F 155 25.92 -2.66 -16.39
N ILE F 156 25.61 -1.56 -15.72
CA ILE F 156 25.54 -0.25 -16.36
C ILE F 156 26.14 0.77 -15.41
N ALA F 157 27.19 1.47 -15.85
CA ALA F 157 27.78 2.53 -15.05
C ALA F 157 26.90 3.78 -15.15
N LEU F 158 26.51 4.30 -13.99
CA LEU F 158 25.57 5.41 -13.95
C LEU F 158 26.23 6.74 -14.28
N ARG G 7 0.34 32.30 -28.50
CA ARG G 7 1.07 31.05 -28.71
C ARG G 7 2.22 30.91 -27.72
N THR G 8 2.10 29.95 -26.81
CA THR G 8 3.09 29.69 -25.77
C THR G 8 3.62 28.27 -25.92
N PRO G 9 4.49 28.02 -26.90
CA PRO G 9 5.04 26.67 -27.06
C PRO G 9 5.79 26.19 -25.83
N SER G 10 6.51 25.06 -25.97
CA SER G 10 7.29 24.49 -24.90
C SER G 10 8.63 25.21 -24.68
N ASP G 11 8.74 26.46 -25.12
N ASP G 11 8.76 26.46 -25.12
CA ASP G 11 9.96 27.25 -24.91
CA ASP G 11 9.99 27.22 -24.91
C ASP G 11 9.91 28.01 -23.59
C ASP G 11 9.91 28.00 -23.59
N LYS G 12 9.55 27.29 -22.53
CA LYS G 12 9.54 27.83 -21.18
C LYS G 12 10.90 27.59 -20.54
N PRO G 13 11.26 28.35 -19.50
CA PRO G 13 12.60 28.22 -18.94
C PRO G 13 12.87 26.80 -18.44
N VAL G 14 14.10 26.33 -18.72
CA VAL G 14 14.59 25.06 -18.23
C VAL G 14 16.06 25.25 -17.87
N ALA G 15 16.50 24.58 -16.80
CA ALA G 15 17.91 24.62 -16.43
C ALA G 15 18.29 23.33 -15.74
N HIS G 16 19.51 22.87 -16.02
CA HIS G 16 20.05 21.64 -15.43
C HIS G 16 21.55 21.81 -15.31
N VAL G 17 22.04 22.02 -14.09
CA VAL G 17 23.46 22.20 -13.83
C VAL G 17 23.99 20.97 -13.10
N VAL G 18 25.29 20.76 -13.23
CA VAL G 18 25.95 19.58 -12.68
C VAL G 18 27.12 20.02 -11.81
N ALA G 19 27.41 19.24 -10.78
CA ALA G 19 28.48 19.57 -9.85
C ALA G 19 29.84 19.45 -10.53
N ASN G 20 30.69 20.45 -10.33
CA ASN G 20 32.05 20.40 -10.85
C ASN G 20 32.85 19.39 -10.05
N PRO G 21 33.40 18.34 -10.67
CA PRO G 21 34.13 17.34 -9.89
C PRO G 21 35.52 17.79 -9.46
N GLN G 22 36.07 18.82 -10.10
CA GLN G 22 37.39 19.32 -9.74
C GLN G 22 37.35 20.26 -8.54
N ALA G 23 36.18 20.82 -8.22
CA ALA G 23 36.05 21.68 -7.04
C ALA G 23 36.05 20.82 -5.78
N GLU G 24 37.21 20.25 -5.46
CA GLU G 24 37.32 19.40 -4.28
C GLU G 24 36.98 20.18 -3.02
N GLY G 25 36.15 19.60 -2.17
CA GLY G 25 35.76 20.22 -0.93
C GLY G 25 34.62 21.21 -1.02
N GLN G 26 33.95 21.29 -2.17
CA GLN G 26 32.84 22.21 -2.35
C GLN G 26 31.85 21.62 -3.34
N LEU G 27 30.68 22.23 -3.40
CA LEU G 27 29.60 21.84 -4.31
C LEU G 27 29.34 23.02 -5.24
N GLN G 28 30.10 23.10 -6.33
CA GLN G 28 29.97 24.17 -7.31
C GLN G 28 29.27 23.64 -8.56
N TRP G 29 28.32 24.40 -9.07
CA TRP G 29 27.50 23.98 -10.19
C TRP G 29 28.09 24.45 -11.51
N LEU G 30 27.86 23.66 -12.56
CA LEU G 30 28.27 23.98 -13.92
C LEU G 30 27.08 23.81 -14.86
N ASN G 31 27.04 24.62 -15.92
CA ASN G 31 25.95 24.56 -16.87
C ASN G 31 26.24 23.66 -18.06
N ARG G 32 27.50 23.32 -18.30
CA ARG G 32 27.88 22.50 -19.45
C ARG G 32 27.34 23.10 -20.75
N LEU G 37 22.80 23.97 -18.49
CA LEU G 37 21.83 24.53 -19.41
C LEU G 37 21.15 25.77 -18.82
N LEU G 38 21.36 26.92 -19.47
CA LEU G 38 20.74 28.18 -19.09
C LEU G 38 19.86 28.63 -20.26
N ALA G 39 18.60 28.24 -20.23
CA ALA G 39 17.68 28.48 -21.33
C ALA G 39 16.60 29.47 -20.92
N ASN G 40 16.23 30.34 -21.85
CA ASN G 40 15.12 31.27 -21.68
C ASN G 40 15.20 32.01 -20.34
N GLY G 41 16.35 32.61 -20.08
CA GLY G 41 16.50 33.54 -18.97
C GLY G 41 16.99 32.94 -17.67
N VAL G 42 17.01 31.62 -17.54
CA VAL G 42 17.50 31.00 -16.31
C VAL G 42 19.01 31.20 -16.23
N GLU G 43 19.48 31.75 -15.11
CA GLU G 43 20.88 32.12 -14.96
C GLU G 43 21.45 31.50 -13.69
N LEU G 44 22.76 31.27 -13.72
CA LEU G 44 23.49 30.65 -12.61
C LEU G 44 24.49 31.67 -12.06
N ARG G 45 24.13 32.30 -10.95
CA ARG G 45 24.98 33.28 -10.29
C ARG G 45 25.26 32.84 -8.86
N ASP G 46 26.52 32.95 -8.44
CA ASP G 46 26.92 32.65 -7.07
C ASP G 46 26.42 31.27 -6.66
N ASN G 47 26.52 30.30 -7.56
CA ASN G 47 26.12 28.93 -7.31
C ASN G 47 24.61 28.77 -7.19
N GLN G 48 23.85 29.75 -7.67
CA GLN G 48 22.40 29.81 -7.46
C GLN G 48 21.68 30.03 -8.78
N LEU G 49 20.49 29.42 -8.89
CA LEU G 49 19.65 29.57 -10.07
C LEU G 49 18.71 30.76 -9.89
N VAL G 50 18.53 31.53 -10.96
CA VAL G 50 17.78 32.77 -10.94
C VAL G 50 16.53 32.57 -11.78
N VAL G 51 15.37 32.58 -11.12
CA VAL G 51 14.08 32.40 -11.79
C VAL G 51 13.87 33.57 -12.74
N PRO G 52 13.65 33.33 -14.05
CA PRO G 52 13.49 34.46 -14.98
C PRO G 52 12.09 35.07 -14.95
N SER G 53 11.06 34.25 -14.71
CA SER G 53 9.69 34.74 -14.79
C SER G 53 8.84 34.07 -13.72
N GLU G 54 7.70 34.70 -13.43
CA GLU G 54 6.77 34.18 -12.45
C GLU G 54 6.03 32.98 -13.03
N GLY G 55 5.67 32.05 -12.15
CA GLY G 55 4.93 30.87 -12.55
C GLY G 55 5.31 29.69 -11.68
N LEU G 56 4.87 28.51 -12.11
CA LEU G 56 5.17 27.27 -11.41
C LEU G 56 6.42 26.63 -11.99
N TYR G 57 7.24 26.05 -11.12
CA TYR G 57 8.49 25.42 -11.51
C TYR G 57 8.66 24.11 -10.76
N LEU G 58 9.19 23.11 -11.47
CA LEU G 58 9.60 21.84 -10.85
C LEU G 58 11.06 21.96 -10.47
N ILE G 59 11.34 21.98 -9.17
CA ILE G 59 12.71 22.02 -8.66
C ILE G 59 13.14 20.60 -8.33
N TYR G 60 14.39 20.27 -8.65
CA TYR G 60 14.92 18.96 -8.33
C TYR G 60 16.43 19.07 -8.15
N SER G 61 16.98 18.08 -7.46
CA SER G 61 18.41 18.01 -7.21
C SER G 61 18.75 16.66 -6.59
N GLN G 62 19.96 16.19 -6.86
CA GLN G 62 20.44 14.95 -6.29
C GLN G 62 21.92 15.09 -5.93
N VAL G 63 22.33 14.43 -4.86
CA VAL G 63 23.70 14.44 -4.39
C VAL G 63 24.13 13.03 -4.06
N LEU G 64 25.42 12.75 -4.22
CA LEU G 64 26.02 11.48 -3.87
C LEU G 64 27.06 11.70 -2.79
N PHE G 65 27.03 10.88 -1.75
CA PHE G 65 28.00 10.91 -0.68
C PHE G 65 28.76 9.58 -0.63
N LYS G 66 30.03 9.66 -0.25
CA LYS G 66 30.88 8.48 -0.20
C LYS G 66 31.85 8.60 0.96
N GLY G 67 32.06 7.50 1.67
CA GLY G 67 33.03 7.46 2.75
C GLY G 67 33.55 6.06 2.94
N GLN G 68 34.82 5.95 3.29
CA GLN G 68 35.46 4.67 3.55
C GLN G 68 35.50 4.46 5.06
N GLY G 69 34.58 3.62 5.55
CA GLY G 69 34.52 3.32 6.96
C GLY G 69 33.68 4.33 7.74
N CYS G 70 33.45 4.00 9.00
CA CYS G 70 32.60 4.82 9.88
C CYS G 70 33.40 5.31 11.08
N PRO G 71 33.70 6.60 11.18
CA PRO G 71 34.38 7.11 12.37
C PRO G 71 33.43 7.29 13.54
N SER G 72 32.21 7.73 13.24
CA SER G 72 31.21 8.00 14.25
C SER G 72 29.89 7.37 13.85
N THR G 73 29.05 7.09 14.84
CA THR G 73 27.68 6.67 14.61
C THR G 73 26.73 7.85 14.40
N HIS G 74 27.27 9.07 14.35
CA HIS G 74 26.49 10.28 14.25
C HIS G 74 26.84 11.09 13.00
N VAL G 75 27.38 10.44 11.97
CA VAL G 75 27.62 11.12 10.71
C VAL G 75 26.30 11.57 10.12
N LEU G 76 26.21 12.85 9.77
CA LEU G 76 24.97 13.46 9.29
C LEU G 76 25.19 14.01 7.89
N LEU G 77 24.28 13.67 6.98
CA LEU G 77 24.35 14.11 5.59
C LEU G 77 23.02 14.74 5.23
N THR G 78 23.03 16.05 4.97
CA THR G 78 21.82 16.81 4.70
C THR G 78 21.89 17.44 3.33
N HIS G 79 20.76 17.44 2.62
CA HIS G 79 20.63 18.06 1.32
C HIS G 79 19.41 18.95 1.36
N THR G 80 19.55 20.19 0.86
CA THR G 80 18.50 21.18 1.03
C THR G 80 18.47 22.15 -0.14
N ILE G 81 17.26 22.50 -0.58
CA ILE G 81 17.05 23.52 -1.59
C ILE G 81 16.42 24.74 -0.90
N SER G 82 17.10 25.88 -0.97
CA SER G 82 16.62 27.10 -0.37
C SER G 82 16.01 28.01 -1.44
N ARG G 83 15.50 29.15 -1.00
CA ARG G 83 14.90 30.13 -1.89
C ARG G 83 15.12 31.51 -1.32
N ILE G 84 15.61 32.43 -2.15
CA ILE G 84 15.95 33.78 -1.74
C ILE G 84 15.30 34.74 -2.74
N ALA G 85 14.29 35.48 -2.29
CA ALA G 85 13.60 36.43 -3.15
C ALA G 85 14.49 37.65 -3.41
N GLN G 89 14.55 39.34 0.66
CA GLN G 89 15.89 38.89 1.00
C GLN G 89 15.87 38.04 2.28
N THR G 90 15.13 36.93 2.23
CA THR G 90 15.04 36.02 3.36
C THR G 90 15.04 34.59 2.82
N LYS G 91 16.00 33.79 3.28
CA LYS G 91 16.13 32.42 2.81
C LYS G 91 15.04 31.54 3.41
N VAL G 92 14.35 30.79 2.56
CA VAL G 92 13.31 29.86 3.00
C VAL G 92 13.60 28.51 2.38
N ASN G 93 13.74 27.49 3.22
CA ASN G 93 14.04 26.14 2.75
C ASN G 93 12.81 25.55 2.06
N LEU G 94 13.02 24.97 0.88
CA LEU G 94 11.94 24.35 0.12
C LEU G 94 11.89 22.84 0.28
N LEU G 95 13.05 22.17 0.29
CA LEU G 95 13.13 20.73 0.40
C LEU G 95 14.33 20.36 1.26
N SER G 96 14.29 19.18 1.87
CA SER G 96 15.32 18.76 2.79
C SER G 96 15.31 17.24 2.91
N ALA G 97 16.37 16.70 3.51
CA ALA G 97 16.53 15.27 3.72
C ALA G 97 17.79 15.01 4.53
N ILE G 98 17.76 13.95 5.32
CA ILE G 98 18.84 13.61 6.23
C ILE G 98 19.19 12.13 6.05
N LYS G 99 20.46 11.79 6.24
CA LYS G 99 20.92 10.42 6.13
C LYS G 99 22.00 10.15 7.17
N SER G 100 21.96 8.96 7.78
CA SER G 100 22.94 8.52 8.78
C SER G 100 23.45 7.15 8.37
N PRO G 101 24.44 7.09 7.47
CA PRO G 101 24.88 5.79 6.93
C PRO G 101 25.62 4.90 7.91
N CYS G 102 25.90 5.36 9.13
CA CYS G 102 26.73 4.61 10.07
C CYS G 102 25.93 4.25 11.31
N GLN G 103 25.92 2.96 11.65
CA GLN G 103 25.37 2.47 12.90
C GLN G 103 26.41 1.75 13.74
N ARG G 104 27.18 0.84 13.14
CA ARG G 104 28.16 0.05 13.86
C ARG G 104 29.57 0.49 13.48
N GLU G 105 30.47 0.49 14.46
CA GLU G 105 31.87 0.83 14.24
C GLU G 105 32.01 2.30 13.87
N LYS G 113 34.71 -0.81 5.57
CA LYS G 113 33.54 -1.08 4.75
C LYS G 113 33.04 0.18 4.09
N PRO G 114 33.49 0.44 2.85
CA PRO G 114 33.02 1.64 2.13
C PRO G 114 31.51 1.77 2.13
N TRP G 115 31.01 2.99 1.95
CA TRP G 115 29.57 3.21 1.92
C TRP G 115 29.27 4.38 0.99
N TYR G 116 28.02 4.44 0.54
CA TYR G 116 27.54 5.56 -0.24
C TYR G 116 26.08 5.82 0.13
N GLU G 117 25.64 7.05 -0.08
CA GLU G 117 24.25 7.42 0.17
C GLU G 117 23.79 8.49 -0.81
N PRO G 118 22.74 8.24 -1.59
CA PRO G 118 22.17 9.29 -2.44
C PRO G 118 21.02 10.00 -1.74
N ILE G 119 20.83 11.26 -2.12
CA ILE G 119 19.72 12.06 -1.62
C ILE G 119 19.13 12.80 -2.81
N TYR G 120 17.91 12.43 -3.21
CA TYR G 120 17.18 13.14 -4.25
C TYR G 120 16.12 14.03 -3.61
N LEU G 121 15.99 15.24 -4.13
CA LEU G 121 14.97 16.20 -3.69
C LEU G 121 14.24 16.72 -4.91
N GLY G 122 12.91 16.76 -4.84
CA GLY G 122 12.11 17.22 -5.95
C GLY G 122 10.74 17.72 -5.52
N GLY G 123 10.26 18.80 -6.13
CA GLY G 123 8.97 19.35 -5.77
C GLY G 123 8.58 20.48 -6.69
N VAL G 124 7.30 20.84 -6.64
CA VAL G 124 6.73 21.93 -7.42
C VAL G 124 6.49 23.11 -6.49
N PHE G 125 6.77 24.32 -6.99
CA PHE G 125 6.78 25.49 -6.13
C PHE G 125 6.35 26.74 -6.87
N GLN G 126 5.66 27.62 -6.15
CA GLN G 126 5.47 28.99 -6.58
C GLN G 126 6.82 29.71 -6.61
N LEU G 127 7.00 30.59 -7.59
CA LEU G 127 8.25 31.34 -7.71
C LEU G 127 8.00 32.66 -8.40
N GLU G 128 8.77 33.67 -7.99
CA GLU G 128 8.66 35.03 -8.49
C GLU G 128 9.88 35.39 -9.33
N LYS G 129 9.73 36.46 -10.11
CA LYS G 129 10.81 36.95 -10.96
C LYS G 129 11.95 37.45 -10.10
N GLY G 130 13.04 36.68 -10.04
CA GLY G 130 14.22 37.08 -9.29
C GLY G 130 14.55 36.21 -8.10
N ASP G 131 13.71 35.22 -7.77
CA ASP G 131 14.01 34.33 -6.68
C ASP G 131 15.34 33.62 -6.92
N ARG G 132 16.07 33.38 -5.84
CA ARG G 132 17.40 32.75 -5.90
C ARG G 132 17.29 31.38 -5.26
N LEU G 133 17.30 30.33 -6.10
CA LEU G 133 17.22 28.97 -5.62
C LEU G 133 18.63 28.39 -5.50
N SER G 134 18.91 27.74 -4.37
CA SER G 134 20.20 27.14 -4.11
C SER G 134 20.01 25.67 -3.75
N ALA G 135 21.08 24.91 -3.86
CA ALA G 135 21.12 23.53 -3.40
C ALA G 135 22.44 23.32 -2.66
N GLU G 136 22.35 23.06 -1.35
CA GLU G 136 23.52 23.03 -0.50
C GLU G 136 23.53 21.75 0.33
N ILE G 137 24.74 21.30 0.67
CA ILE G 137 24.95 20.12 1.49
C ILE G 137 25.82 20.52 2.68
N ASN G 138 25.83 19.65 3.70
CA ASN G 138 26.54 19.94 4.93
C ASN G 138 27.93 19.31 5.01
N ARG G 139 28.24 18.34 4.15
CA ARG G 139 29.52 17.64 4.17
C ARG G 139 30.10 17.56 2.76
N PRO G 140 30.53 18.69 2.20
CA PRO G 140 31.16 18.66 0.86
C PRO G 140 32.35 17.72 0.80
N ASP G 141 32.95 17.43 1.95
CA ASP G 141 34.07 16.50 1.98
C ASP G 141 33.62 15.09 1.62
N TYR G 142 32.35 14.76 1.87
CA TYR G 142 31.81 13.46 1.51
C TYR G 142 31.20 13.43 0.11
N LEU G 143 31.11 14.59 -0.56
CA LEU G 143 30.64 14.61 -1.93
C LEU G 143 31.55 13.76 -2.82
N ASP G 144 30.95 13.02 -3.74
CA ASP G 144 31.71 12.16 -4.64
C ASP G 144 30.86 11.84 -5.87
N PHE G 145 31.49 11.19 -6.84
CA PHE G 145 30.84 10.77 -8.08
C PHE G 145 30.32 11.95 -8.89
N ALA G 146 30.89 13.14 -8.68
CA ALA G 146 30.47 14.32 -9.42
C ALA G 146 30.81 14.25 -10.91
N GLU G 147 31.60 13.27 -11.33
CA GLU G 147 31.94 13.11 -12.74
C GLU G 147 30.92 12.30 -13.52
N SER G 148 30.07 11.54 -12.83
CA SER G 148 29.06 10.72 -13.49
C SER G 148 27.85 11.53 -13.97
N GLY G 149 27.71 12.77 -13.51
CA GLY G 149 26.55 13.56 -13.85
C GLY G 149 25.34 13.34 -12.97
N GLN G 150 25.46 12.49 -11.95
CA GLN G 150 24.35 12.22 -11.05
C GLN G 150 24.21 13.24 -9.93
N VAL G 151 25.13 14.18 -9.83
CA VAL G 151 25.02 15.31 -8.89
C VAL G 151 24.53 16.48 -9.72
N TYR G 152 23.25 16.84 -9.56
CA TYR G 152 22.63 17.83 -10.41
C TYR G 152 21.68 18.69 -9.59
N PHE G 153 21.30 19.83 -10.19
CA PHE G 153 20.33 20.75 -9.62
C PHE G 153 19.70 21.49 -10.78
N GLY G 154 18.37 21.43 -10.89
CA GLY G 154 17.71 22.00 -12.04
C GLY G 154 16.30 22.45 -11.70
N ILE G 155 15.74 23.23 -12.63
CA ILE G 155 14.36 23.69 -12.51
C ILE G 155 13.70 23.58 -13.89
N ILE G 156 12.41 23.26 -13.88
CA ILE G 156 11.63 23.13 -15.11
C ILE G 156 10.38 23.98 -14.94
N ALA G 157 10.18 24.93 -15.85
CA ALA G 157 8.97 25.73 -15.85
C ALA G 157 7.82 24.91 -16.41
N LEU G 158 6.89 24.53 -15.55
CA LEU G 158 5.74 23.74 -15.96
C LEU G 158 4.84 24.57 -16.86
N THR H 8 7.52 -19.69 32.50
CA THR H 8 6.58 -18.82 33.21
C THR H 8 6.89 -17.35 32.91
N PRO H 9 5.86 -16.59 32.50
CA PRO H 9 6.11 -15.16 32.23
C PRO H 9 6.55 -14.39 33.48
N SER H 10 6.01 -14.73 34.64
CA SER H 10 6.45 -14.10 35.88
C SER H 10 7.91 -14.42 36.18
N ASP H 11 8.46 -15.49 35.60
CA ASP H 11 9.86 -15.85 35.76
C ASP H 11 10.75 -15.17 34.73
N LYS H 12 10.20 -14.36 33.83
CA LYS H 12 11.02 -13.75 32.79
C LYS H 12 11.34 -12.30 33.11
N PRO H 13 12.58 -11.86 32.88
CA PRO H 13 12.93 -10.47 33.21
C PRO H 13 12.01 -9.46 32.54
N VAL H 14 11.73 -8.38 33.27
CA VAL H 14 10.94 -7.27 32.77
C VAL H 14 11.47 -5.99 33.42
N ALA H 15 11.51 -4.91 32.63
CA ALA H 15 11.99 -3.63 33.13
C ALA H 15 11.39 -2.51 32.28
N HIS H 16 11.07 -1.40 32.93
CA HIS H 16 10.49 -0.25 32.26
C HIS H 16 10.77 0.97 33.12
N VAL H 17 11.69 1.82 32.67
CA VAL H 17 12.11 2.99 33.42
C VAL H 17 11.65 4.25 32.70
N VAL H 18 11.50 5.33 33.47
CA VAL H 18 10.98 6.60 32.98
C VAL H 18 12.02 7.68 33.25
N ALA H 19 12.09 8.64 32.33
CA ALA H 19 13.07 9.71 32.46
C ALA H 19 12.80 10.53 33.71
N ASN H 20 13.89 11.05 34.30
CA ASN H 20 13.79 11.86 35.51
C ASN H 20 13.33 13.27 35.14
N PRO H 21 12.17 13.72 35.64
CA PRO H 21 11.69 15.06 35.25
C PRO H 21 12.43 16.19 35.96
N GLN H 22 12.91 15.95 37.17
CA GLN H 22 13.61 16.98 37.92
C GLN H 22 15.07 17.13 37.49
N ALA H 23 15.62 16.14 36.78
CA ALA H 23 17.02 16.20 36.34
C ALA H 23 17.08 16.85 34.96
N GLU H 24 16.77 18.15 34.94
CA GLU H 24 16.76 18.89 33.69
C GLU H 24 18.16 19.06 33.14
N GLY H 25 18.29 18.97 31.82
CA GLY H 25 19.57 19.06 31.15
C GLY H 25 20.24 17.74 30.85
N GLN H 26 19.49 16.63 30.89
CA GLN H 26 20.04 15.31 30.62
C GLN H 26 18.91 14.30 30.73
N LEU H 27 19.19 13.06 30.33
CA LEU H 27 18.21 11.98 30.29
C LEU H 27 18.69 10.85 31.20
N GLN H 28 18.44 11.01 32.50
CA GLN H 28 18.80 10.02 33.51
C GLN H 28 17.55 9.21 33.86
N TRP H 29 17.65 7.89 33.72
CA TRP H 29 16.50 7.03 33.92
C TRP H 29 16.26 6.74 35.40
N LEU H 30 15.04 6.32 35.71
CA LEU H 30 14.66 5.95 37.07
C LEU H 30 13.49 4.97 36.99
N ASN H 31 13.40 4.10 37.99
CA ASN H 31 12.33 3.11 38.04
C ASN H 31 11.19 3.58 38.93
N LEU H 37 9.99 0.43 37.44
CA LEU H 37 9.93 -1.03 37.52
C LEU H 37 11.32 -1.63 37.29
N LEU H 38 11.62 -2.69 38.04
CA LEU H 38 12.94 -3.32 37.97
C LEU H 38 12.93 -4.60 38.80
N ALA H 39 12.85 -5.75 38.13
CA ALA H 39 12.73 -7.03 38.83
C ALA H 39 13.21 -8.15 37.92
N ASN H 40 13.14 -9.38 38.44
CA ASN H 40 13.52 -10.58 37.71
C ASN H 40 14.91 -10.43 37.08
N GLY H 41 15.86 -9.97 37.87
CA GLY H 41 17.25 -9.90 37.48
C GLY H 41 17.69 -8.58 36.89
N VAL H 42 16.80 -7.86 36.22
CA VAL H 42 17.20 -6.62 35.55
C VAL H 42 17.59 -5.59 36.60
N GLU H 43 18.67 -4.86 36.32
CA GLU H 43 19.15 -3.80 37.20
C GLU H 43 19.45 -2.56 36.38
N LEU H 44 19.45 -1.41 37.05
CA LEU H 44 19.76 -0.13 36.43
C LEU H 44 21.08 0.36 37.04
N ARG H 45 22.19 0.10 36.33
CA ARG H 45 23.53 0.42 36.81
C ARG H 45 24.10 1.52 35.92
N ASP H 46 24.21 2.72 36.46
CA ASP H 46 24.80 3.86 35.75
C ASP H 46 24.02 4.17 34.47
N ASN H 47 22.74 4.47 34.64
CA ASN H 47 21.85 4.89 33.55
C ASN H 47 21.73 3.83 32.46
N GLN H 48 22.07 2.59 32.78
CA GLN H 48 22.04 1.50 31.80
C GLN H 48 21.32 0.30 32.41
N LEU H 49 20.65 -0.46 31.56
CA LEU H 49 19.95 -1.67 31.95
C LEU H 49 20.85 -2.88 31.67
N VAL H 50 21.07 -3.70 32.68
CA VAL H 50 21.93 -4.87 32.58
C VAL H 50 21.06 -6.10 32.37
N VAL H 51 21.39 -6.88 31.35
CA VAL H 51 20.61 -8.07 31.01
C VAL H 51 20.98 -9.18 32.00
N PRO H 52 20.01 -9.83 32.65
CA PRO H 52 20.35 -10.89 33.61
C PRO H 52 20.48 -12.26 32.94
N SER H 53 19.65 -12.52 31.93
CA SER H 53 19.58 -13.82 31.28
C SER H 53 19.83 -13.69 29.78
N GLU H 54 20.46 -14.71 29.21
CA GLU H 54 20.61 -14.77 27.77
C GLU H 54 19.28 -15.14 27.12
N GLY H 55 18.99 -14.51 25.99
CA GLY H 55 17.77 -14.81 25.27
C GLY H 55 17.39 -13.66 24.36
N LEU H 56 16.17 -13.76 23.84
CA LEU H 56 15.59 -12.70 23.02
C LEU H 56 14.87 -11.71 23.89
N TYR H 57 15.14 -10.42 23.69
CA TYR H 57 14.55 -9.35 24.48
C TYR H 57 13.87 -8.35 23.55
N LEU H 58 12.65 -7.97 23.89
CA LEU H 58 12.01 -6.82 23.27
C LEU H 58 12.57 -5.55 23.92
N ILE H 59 13.22 -4.72 23.12
CA ILE H 59 13.83 -3.48 23.57
C ILE H 59 13.00 -2.32 23.02
N TYR H 60 12.59 -1.42 23.90
CA TYR H 60 11.80 -0.27 23.48
C TYR H 60 12.18 0.94 24.31
N SER H 61 12.11 2.11 23.68
CA SER H 61 12.31 3.38 24.36
C SER H 61 11.61 4.47 23.55
N GLN H 62 10.98 5.41 24.25
CA GLN H 62 10.35 6.55 23.62
C GLN H 62 10.85 7.84 24.28
N VAL H 63 11.11 8.84 23.45
CA VAL H 63 11.51 10.16 23.93
C VAL H 63 10.63 11.20 23.26
N LEU H 64 10.54 12.36 23.91
CA LEU H 64 9.70 13.46 23.44
C LEU H 64 10.50 14.75 23.49
N PHE H 65 10.49 15.48 22.38
CA PHE H 65 11.20 16.74 22.28
C PHE H 65 10.21 17.88 22.07
N LYS H 66 10.53 19.04 22.63
CA LYS H 66 9.72 20.24 22.46
C LYS H 66 10.63 21.45 22.37
N GLY H 67 10.22 22.43 21.56
CA GLY H 67 10.93 23.70 21.48
C GLY H 67 9.95 24.81 21.20
N GLN H 68 10.38 26.03 21.51
CA GLN H 68 9.57 27.23 21.29
C GLN H 68 10.08 27.92 20.02
N GLY H 69 9.55 27.50 18.88
CA GLY H 69 9.93 28.08 17.61
C GLY H 69 11.15 27.39 17.00
N CYS H 70 11.29 27.56 15.69
CA CYS H 70 12.41 27.01 14.93
C CYS H 70 13.44 28.09 14.64
N PRO H 71 14.48 28.23 15.49
CA PRO H 71 15.54 29.21 15.19
C PRO H 71 16.34 28.84 13.94
N SER H 72 17.41 29.59 13.68
CA SER H 72 18.17 29.43 12.45
C SER H 72 18.81 28.05 12.37
N THR H 73 19.15 27.65 11.14
CA THR H 73 19.83 26.39 10.87
C THR H 73 18.97 25.20 11.28
N HIS H 74 19.34 24.01 10.80
CA HIS H 74 18.54 22.82 11.06
C HIS H 74 18.71 22.34 12.48
N VAL H 75 17.59 21.99 13.12
CA VAL H 75 17.59 21.33 14.43
C VAL H 75 17.42 19.84 14.18
N LEU H 76 18.42 19.05 14.60
CA LEU H 76 18.44 17.62 14.37
C LEU H 76 18.36 16.87 15.69
N LEU H 77 17.43 15.92 15.78
CA LEU H 77 17.20 15.14 16.98
C LEU H 77 17.52 13.68 16.69
N THR H 78 18.18 13.01 17.64
CA THR H 78 18.53 11.61 17.48
C THR H 78 18.20 10.85 18.76
N HIS H 79 17.64 9.66 18.59
CA HIS H 79 17.40 8.73 19.68
C HIS H 79 18.04 7.40 19.30
N THR H 80 18.82 6.83 20.22
CA THR H 80 19.57 5.61 19.93
C THR H 80 19.59 4.71 21.15
N ILE H 81 19.31 3.42 20.93
CA ILE H 81 19.47 2.39 21.95
C ILE H 81 20.72 1.58 21.60
N SER H 82 21.63 1.46 22.56
CA SER H 82 22.95 0.89 22.33
C SER H 82 23.17 -0.31 23.25
N ARG H 83 24.23 -1.06 22.96
CA ARG H 83 24.59 -2.27 23.71
C ARG H 83 26.09 -2.28 23.96
N ILE H 84 26.48 -2.91 25.06
CA ILE H 84 27.88 -3.07 25.42
C ILE H 84 28.03 -4.31 26.30
N ALA H 85 28.82 -5.27 25.85
CA ALA H 85 28.99 -6.53 26.57
C ALA H 85 30.19 -6.45 27.51
N LYS H 91 31.04 -0.05 21.80
CA LYS H 91 29.63 0.29 21.73
C LYS H 91 29.07 -0.07 20.36
N VAL H 92 27.80 -0.48 20.33
CA VAL H 92 27.12 -0.82 19.09
C VAL H 92 25.66 -0.38 19.20
N ASN H 93 25.12 0.13 18.09
CA ASN H 93 23.77 0.66 18.06
C ASN H 93 22.82 -0.41 17.54
N LEU H 94 21.74 -0.65 18.31
CA LEU H 94 20.71 -1.59 17.91
C LEU H 94 19.56 -0.89 17.19
N LEU H 95 19.08 0.21 17.75
CA LEU H 95 17.99 0.99 17.16
C LEU H 95 18.39 2.46 17.13
N SER H 96 17.91 3.15 16.10
CA SER H 96 18.21 4.57 15.96
C SER H 96 17.11 5.22 15.12
N ALA H 97 16.95 6.52 15.32
CA ALA H 97 15.99 7.31 14.57
C ALA H 97 16.36 8.77 14.70
N ILE H 98 16.14 9.53 13.64
CA ILE H 98 16.48 10.95 13.63
C ILE H 98 15.34 11.73 12.99
N LYS H 99 15.05 12.90 13.56
CA LYS H 99 13.96 13.75 13.08
C LYS H 99 14.44 15.20 13.04
N SER H 100 13.84 15.96 12.13
CA SER H 100 14.14 17.39 11.98
C SER H 100 12.83 18.16 12.04
N PRO H 101 12.48 18.73 13.20
CA PRO H 101 11.20 19.46 13.29
C PRO H 101 11.10 20.64 12.35
N CYS H 102 12.22 21.20 11.92
CA CYS H 102 12.21 22.40 11.09
C CYS H 102 12.46 22.05 9.62
N LYS H 113 6.03 30.00 18.12
CA LYS H 113 5.36 28.90 17.44
C LYS H 113 5.95 27.55 17.90
N PRO H 114 5.38 26.98 18.96
CA PRO H 114 5.97 25.77 19.54
C PRO H 114 5.83 24.58 18.61
N TRP H 115 6.59 23.53 18.92
CA TRP H 115 6.55 22.28 18.18
C TRP H 115 6.85 21.14 19.13
N TYR H 116 6.73 19.92 18.62
CA TYR H 116 7.10 18.73 19.38
C TYR H 116 7.29 17.58 18.40
N GLU H 117 8.30 16.74 18.65
CA GLU H 117 8.60 15.60 17.81
C GLU H 117 8.86 14.40 18.71
N PRO H 118 8.03 13.36 18.69
CA PRO H 118 8.32 12.15 19.46
C PRO H 118 9.10 11.14 18.64
N ILE H 119 9.95 10.39 19.34
CA ILE H 119 10.75 9.32 18.73
C ILE H 119 10.51 8.05 19.54
N TYR H 120 10.01 7.01 18.88
CA TYR H 120 9.85 5.70 19.48
C TYR H 120 10.75 4.70 18.76
N LEU H 121 11.34 3.80 19.53
CA LEU H 121 12.20 2.74 19.00
C LEU H 121 11.77 1.42 19.61
N GLY H 122 11.77 0.37 18.79
CA GLY H 122 11.35 -0.94 19.26
C GLY H 122 11.82 -2.06 18.36
N GLY H 123 12.27 -3.16 18.95
CA GLY H 123 12.74 -4.28 18.16
C GLY H 123 13.13 -5.44 19.06
N VAL H 124 13.30 -6.60 18.43
CA VAL H 124 13.70 -7.83 19.11
C VAL H 124 15.16 -8.07 18.80
N PHE H 125 15.96 -8.34 19.83
CA PHE H 125 17.40 -8.53 19.67
C PHE H 125 17.87 -9.64 20.59
N GLN H 126 18.89 -10.36 20.12
CA GLN H 126 19.57 -11.36 20.93
C GLN H 126 20.55 -10.65 21.85
N LEU H 127 20.41 -10.86 23.15
CA LEU H 127 21.27 -10.22 24.15
C LEU H 127 22.03 -11.27 24.94
N GLU H 128 23.31 -11.02 25.16
CA GLU H 128 24.12 -11.86 26.00
C GLU H 128 24.01 -11.41 27.47
N LYS H 129 24.39 -12.30 28.37
CA LYS H 129 24.34 -11.98 29.79
C LYS H 129 25.29 -10.84 30.11
N GLY H 130 24.89 -10.01 31.08
CA GLY H 130 25.76 -8.99 31.61
C GLY H 130 25.95 -7.76 30.75
N ASP H 131 25.54 -7.79 29.49
CA ASP H 131 25.71 -6.63 28.63
C ASP H 131 24.74 -5.52 29.04
N ARG H 132 25.22 -4.29 28.95
CA ARG H 132 24.47 -3.12 29.42
C ARG H 132 23.81 -2.43 28.23
N LEU H 133 22.60 -1.90 28.46
CA LEU H 133 21.83 -1.20 27.45
C LEU H 133 21.66 0.25 27.85
N SER H 134 21.73 1.14 26.86
CA SER H 134 21.63 2.57 27.10
C SER H 134 20.78 3.20 26.01
N ALA H 135 19.86 4.08 26.42
CA ALA H 135 19.06 4.88 25.49
C ALA H 135 19.47 6.34 25.67
N GLU H 136 20.05 6.92 24.62
CA GLU H 136 20.63 8.25 24.70
C GLU H 136 20.06 9.13 23.59
N ILE H 137 20.15 10.44 23.80
CA ILE H 137 19.70 11.44 22.84
C ILE H 137 20.78 12.49 22.69
N ASN H 138 20.74 13.19 21.57
CA ASN H 138 21.78 14.18 21.24
C ASN H 138 21.46 15.56 21.78
N ARG H 139 20.18 15.90 21.99
CA ARG H 139 19.75 17.22 22.45
C ARG H 139 18.92 17.08 23.71
N PRO H 140 19.55 16.93 24.87
CA PRO H 140 18.78 16.84 26.13
C PRO H 140 18.05 18.13 26.51
N ASP H 141 18.41 19.27 25.94
CA ASP H 141 17.72 20.50 26.32
C ASP H 141 16.30 20.55 25.78
N TYR H 142 16.06 19.94 24.62
CA TYR H 142 14.71 19.87 24.06
C TYR H 142 13.86 18.80 24.72
N LEU H 143 14.45 17.90 25.50
CA LEU H 143 13.68 16.84 26.14
C LEU H 143 12.70 17.45 27.14
N ASP H 144 11.44 17.02 27.05
CA ASP H 144 10.41 17.50 27.97
C ASP H 144 9.31 16.44 28.04
N PHE H 145 8.30 16.70 28.86
CA PHE H 145 7.18 15.81 29.13
C PHE H 145 7.62 14.53 29.83
N ALA H 146 8.83 14.49 30.37
CA ALA H 146 9.30 13.32 31.11
C ALA H 146 8.49 13.06 32.37
N GLU H 147 7.66 14.01 32.80
CA GLU H 147 6.87 13.86 34.01
C GLU H 147 5.52 13.19 33.76
N SER H 148 5.18 12.94 32.50
CA SER H 148 3.94 12.25 32.17
C SER H 148 4.13 10.75 31.99
N GLY H 149 5.37 10.26 32.06
CA GLY H 149 5.64 8.84 31.92
C GLY H 149 5.86 8.37 30.51
N GLN H 150 5.72 9.24 29.50
CA GLN H 150 5.84 8.85 28.10
C GLN H 150 7.26 8.89 27.60
N VAL H 151 8.21 9.36 28.40
CA VAL H 151 9.64 9.24 28.11
C VAL H 151 10.12 8.03 28.91
N TYR H 152 10.34 6.90 28.23
CA TYR H 152 10.61 5.66 28.93
C TYR H 152 11.68 4.85 28.20
N PHE H 153 12.12 3.79 28.88
CA PHE H 153 13.11 2.84 28.36
C PHE H 153 12.78 1.52 29.03
N GLY H 154 12.72 0.44 28.26
CA GLY H 154 12.23 -0.82 28.82
C GLY H 154 12.77 -2.04 28.10
N ILE H 155 12.68 -3.17 28.79
CA ILE H 155 13.16 -4.45 28.31
C ILE H 155 12.15 -5.52 28.73
N ILE H 156 11.90 -6.47 27.84
CA ILE H 156 10.97 -7.56 28.12
C ILE H 156 11.54 -8.84 27.51
N ALA H 157 11.84 -9.81 28.36
CA ALA H 157 12.37 -11.10 27.89
C ALA H 157 11.24 -11.93 27.30
N LEU H 158 11.35 -12.27 26.03
CA LEU H 158 10.33 -13.04 25.35
C LEU H 158 10.41 -14.51 25.72
N LEU I 2 2.08 -11.22 16.00
CA LEU I 2 1.32 -12.15 16.83
C LEU I 2 2.09 -13.42 17.14
N GLY I 3 3.23 -13.60 16.47
CA GLY I 3 4.12 -14.70 16.80
C GLY I 3 4.44 -14.73 18.28
N TRP I 4 4.95 -13.61 18.82
CA TRP I 4 5.28 -13.55 20.23
C TRP I 4 4.02 -13.52 21.09
N CYS I 5 2.94 -12.93 20.57
CA CYS I 5 1.69 -12.88 21.31
C CYS I 5 1.15 -14.29 21.56
N ILE I 6 1.12 -15.12 20.50
CA ILE I 6 0.70 -16.50 20.67
C ILE I 6 1.66 -17.23 21.61
N GLY I 7 2.97 -17.10 21.35
CA GLY I 7 3.95 -17.76 22.20
C GLY I 7 3.78 -17.39 23.66
N GLU I 8 3.65 -16.10 23.94
CA GLU I 8 3.41 -15.64 25.30
C GLU I 8 2.15 -16.31 25.86
N GLY I 10 0.74 -19.18 25.35
CA GLY I 10 0.90 -20.58 25.72
C GLY I 10 1.75 -20.77 26.96
N THR I 11 2.50 -19.75 27.33
CA THR I 11 3.37 -19.81 28.50
C THR I 11 2.68 -19.33 29.77
N ASP I 12 1.40 -18.98 29.71
CA ASP I 12 0.68 -18.48 30.87
C ASP I 12 0.00 -19.62 31.60
N PRO I 13 0.60 -20.17 32.66
CA PRO I 13 -0.09 -21.23 33.41
C PRO I 13 -1.34 -20.71 34.09
N ASN I 14 -2.15 -21.65 34.57
CA ASN I 14 -3.44 -21.34 35.21
C ASN I 14 -4.31 -20.49 34.30
N LEU I 15 -4.23 -20.73 32.99
CA LEU I 15 -5.02 -20.03 31.99
C LEU I 15 -5.89 -21.07 31.28
N ASN I 16 -7.17 -21.13 31.67
CA ASN I 16 -8.03 -22.22 31.22
C ASN I 16 -8.36 -22.08 29.73
N HIS I 17 -8.96 -23.14 29.19
CA HIS I 17 -9.21 -23.27 27.75
C HIS I 17 -9.93 -22.06 27.18
N GLN I 19 -10.04 -19.10 27.92
CA GLN I 19 -9.23 -17.88 27.92
C GLN I 19 -8.09 -17.99 26.91
N PHE I 20 -7.33 -19.09 26.96
CA PHE I 20 -6.27 -19.29 26.00
C PHE I 20 -6.81 -19.23 24.57
N ARG I 21 -7.90 -19.95 24.31
CA ARG I 21 -8.54 -19.93 23.02
C ARG I 21 -8.82 -18.48 22.60
N LYS I 23 -7.81 -15.80 23.81
CA LYS I 23 -6.60 -14.99 23.86
C LYS I 23 -5.81 -15.08 22.57
N ILE I 24 -5.89 -16.23 21.90
CA ILE I 24 -5.16 -16.39 20.65
C ILE I 24 -5.96 -15.83 19.48
N LEU I 25 -7.28 -16.02 19.48
CA LEU I 25 -8.12 -15.50 18.40
C LEU I 25 -8.15 -13.98 18.46
N CYS I 27 -4.72 -12.18 19.92
CA CYS I 27 -3.52 -12.04 19.10
C CYS I 27 -3.87 -11.97 17.62
N TRP I 28 -4.62 -12.97 17.16
CA TRP I 28 -4.94 -13.12 15.75
C TRP I 28 -5.59 -11.86 15.18
N LEU J 2 -11.34 -10.55 11.08
CA LEU J 2 -12.60 -10.12 11.64
C LEU J 2 -13.66 -11.22 11.65
N GLY J 3 -13.84 -11.88 10.51
CA GLY J 3 -14.84 -12.93 10.38
C GLY J 3 -14.83 -13.93 11.52
N TRP J 4 -13.68 -14.59 11.73
CA TRP J 4 -13.60 -15.59 12.79
C TRP J 4 -13.73 -14.96 14.16
N CYS J 5 -13.25 -13.73 14.32
CA CYS J 5 -13.36 -13.04 15.60
C CYS J 5 -14.82 -12.86 16.01
N ILE J 6 -15.64 -12.34 15.09
CA ILE J 6 -17.05 -12.11 15.38
C ILE J 6 -17.72 -13.45 15.71
N GLY J 7 -17.51 -14.46 14.88
CA GLY J 7 -18.12 -15.75 15.12
C GLY J 7 -17.84 -16.28 16.51
N GLU J 8 -16.58 -16.23 16.93
CA GLU J 8 -16.19 -16.69 18.25
C GLU J 8 -17.01 -15.97 19.32
N GLY J 10 -19.90 -14.68 19.11
CA GLY J 10 -21.31 -15.06 19.02
C GLY J 10 -21.64 -16.39 19.67
N THR J 11 -20.60 -17.17 19.97
CA THR J 11 -20.78 -18.49 20.55
C THR J 11 -20.52 -18.54 22.05
N ASP J 12 -19.89 -17.51 22.61
CA ASP J 12 -19.53 -17.52 24.02
C ASP J 12 -20.76 -17.40 24.89
N PRO J 13 -21.13 -18.42 25.68
CA PRO J 13 -22.34 -18.32 26.51
C PRO J 13 -22.16 -17.50 27.77
N ASN J 14 -20.95 -17.09 28.10
CA ASN J 14 -20.67 -16.34 29.32
C ASN J 14 -20.63 -14.83 29.07
N LEU J 15 -21.15 -14.37 27.94
CA LEU J 15 -21.19 -12.95 27.60
C LEU J 15 -22.61 -12.45 27.74
N ASN J 16 -22.76 -11.30 28.40
CA ASN J 16 -24.06 -10.66 28.53
C ASN J 16 -24.27 -9.73 27.33
N HIS J 17 -25.35 -8.96 27.36
CA HIS J 17 -25.65 -8.00 26.30
C HIS J 17 -24.51 -7.00 26.12
N GLN J 19 -21.63 -6.93 27.10
CA GLN J 19 -20.33 -7.57 26.90
C GLN J 19 -20.16 -8.01 25.44
N PHE J 20 -21.22 -8.59 24.86
CA PHE J 20 -21.13 -9.04 23.48
C PHE J 20 -20.86 -7.87 22.54
N ARG J 21 -21.58 -6.76 22.71
CA ARG J 21 -21.32 -5.56 21.94
C ARG J 21 -19.83 -5.24 21.94
N LYS J 23 -17.23 -6.75 22.63
CA LYS J 23 -16.40 -7.77 22.01
C LYS J 23 -16.44 -7.65 20.49
N ILE J 24 -17.57 -7.18 19.96
CA ILE J 24 -17.72 -7.06 18.52
C ILE J 24 -17.09 -5.77 18.00
N LEU J 25 -17.45 -4.64 18.60
CA LEU J 25 -16.92 -3.35 18.14
C LEU J 25 -15.41 -3.31 18.33
N CYS J 27 -13.39 -6.74 18.03
CA CYS J 27 -13.01 -7.36 16.76
C CYS J 27 -12.92 -6.35 15.63
N TRP J 28 -13.98 -5.57 15.47
CA TRP J 28 -14.10 -4.61 14.38
C TRP J 28 -12.90 -3.70 14.32
N LEU K 2 0.85 12.65 -13.40
CA LEU K 2 0.25 12.57 -14.73
C LEU K 2 -0.20 13.93 -15.27
N GLY K 3 -0.80 14.74 -14.40
CA GLY K 3 -1.34 16.02 -14.83
C GLY K 3 -0.33 16.86 -15.59
N TRP K 4 0.87 16.98 -15.05
CA TRP K 4 1.89 17.81 -15.69
C TRP K 4 2.30 17.25 -17.05
N CYS K 5 2.25 15.92 -17.19
CA CYS K 5 2.61 15.30 -18.47
C CYS K 5 1.57 15.62 -19.55
N ILE K 6 0.28 15.45 -19.21
CA ILE K 6 -0.78 15.80 -20.15
C ILE K 6 -0.69 17.27 -20.55
N GLY K 7 -0.52 18.14 -19.56
CA GLY K 7 -0.41 19.56 -19.86
C GLY K 7 0.70 19.85 -20.85
N GLU K 8 1.88 19.26 -20.61
CA GLU K 8 3.02 19.45 -21.51
C GLU K 8 2.65 19.08 -22.94
N GLY K 10 -0.13 18.70 -24.58
CA GLY K 10 -1.13 19.55 -25.22
C GLY K 10 -0.56 20.83 -25.79
N THR K 11 0.50 21.34 -25.15
CA THR K 11 1.11 22.58 -25.58
C THR K 11 2.01 22.39 -26.80
N ASP K 12 2.46 21.18 -27.08
CA ASP K 12 3.38 20.93 -28.18
C ASP K 12 2.70 21.27 -29.51
N PRO K 13 3.17 22.30 -30.23
CA PRO K 13 2.48 22.70 -31.46
C PRO K 13 2.81 21.85 -32.68
N ASN K 14 3.82 20.99 -32.62
CA ASN K 14 4.22 20.19 -33.77
C ASN K 14 3.60 18.80 -33.76
N LEU K 15 2.40 18.66 -33.18
CA LEU K 15 1.72 17.38 -33.08
C LEU K 15 0.32 17.49 -33.67
N ASN K 16 -0.06 16.48 -34.44
CA ASN K 16 -1.46 16.26 -34.80
C ASN K 16 -2.07 15.26 -33.83
N HIS K 17 -3.39 15.12 -33.90
CA HIS K 17 -4.13 14.29 -32.94
C HIS K 17 -3.53 12.89 -32.82
N GLN K 19 -0.48 11.88 -33.01
CA GLN K 19 0.69 11.92 -32.15
C GLN K 19 0.32 12.31 -30.73
N PHE K 20 -0.59 13.29 -30.63
CA PHE K 20 -1.06 13.73 -29.32
C PHE K 20 -1.71 12.59 -28.55
N ARG K 21 -2.52 11.79 -29.24
CA ARG K 21 -3.15 10.63 -28.61
C ARG K 21 -2.09 9.74 -27.95
N LYS K 23 0.97 10.22 -26.97
CA LYS K 23 1.68 10.81 -25.84
C LYS K 23 0.82 10.86 -24.58
N ILE K 24 -0.50 11.00 -24.75
CA ILE K 24 -1.38 11.06 -23.59
C ILE K 24 -1.63 9.66 -23.04
N LEU K 25 -2.00 8.72 -23.90
CA LEU K 25 -2.28 7.35 -23.46
C LEU K 25 -0.99 6.68 -22.97
N CYS K 27 1.82 9.24 -21.07
CA CYS K 27 1.65 9.72 -19.70
C CYS K 27 0.86 8.74 -18.82
N TRP K 28 -0.26 8.27 -19.33
CA TRP K 28 -1.20 7.49 -18.54
C TRP K 28 -0.61 6.17 -18.04
N LEU L 2 10.09 -5.48 -15.15
CA LEU L 2 11.19 -4.97 -15.97
C LEU L 2 12.08 -6.11 -16.45
N GLY L 3 12.04 -7.24 -15.75
CA GLY L 3 12.87 -8.38 -16.14
C GLY L 3 12.73 -8.73 -17.61
N TRP L 4 11.48 -8.90 -18.06
CA TRP L 4 11.23 -9.20 -19.46
C TRP L 4 11.59 -8.02 -20.36
N CYS L 5 11.57 -6.80 -19.82
CA CYS L 5 11.91 -5.62 -20.61
C CYS L 5 13.41 -5.56 -20.88
N ILE L 6 14.23 -5.72 -19.83
CA ILE L 6 15.68 -5.76 -20.00
C ILE L 6 16.06 -6.91 -20.92
N GLY L 7 15.41 -8.07 -20.75
CA GLY L 7 15.70 -9.18 -21.64
C GLY L 7 15.42 -8.85 -23.09
N GLU L 8 14.28 -8.25 -23.36
CA GLU L 8 13.92 -7.85 -24.73
C GLU L 8 14.98 -6.91 -25.30
N GLY L 10 18.06 -6.36 -24.50
CA GLY L 10 19.34 -7.02 -24.68
C GLY L 10 19.48 -7.74 -26.00
N THR L 11 18.36 -8.27 -26.52
CA THR L 11 18.36 -9.00 -27.76
C THR L 11 18.19 -8.11 -28.99
N ASP L 12 17.79 -6.86 -28.81
CA ASP L 12 17.60 -5.96 -29.95
C ASP L 12 18.90 -5.82 -30.72
N PRO L 13 19.00 -6.39 -31.92
CA PRO L 13 20.29 -6.37 -32.65
C PRO L 13 20.59 -5.07 -33.36
N ASN L 14 19.68 -4.10 -33.36
CA ASN L 14 19.86 -2.85 -34.06
C ASN L 14 20.23 -1.70 -33.13
N LEU L 15 20.91 -2.00 -32.02
CA LEU L 15 21.26 -1.00 -31.01
C LEU L 15 22.74 -1.03 -30.73
N ASN L 16 23.29 0.14 -30.41
CA ASN L 16 24.61 0.27 -29.83
C ASN L 16 24.48 0.56 -28.34
N HIS L 17 25.59 0.46 -27.63
CA HIS L 17 25.58 0.58 -26.17
C HIS L 17 24.89 1.87 -25.71
N GLN L 19 22.18 3.56 -27.20
CA GLN L 19 20.73 3.40 -27.30
C GLN L 19 20.26 2.31 -26.35
N PHE L 20 21.04 1.22 -26.29
CA PHE L 20 20.72 0.12 -25.39
C PHE L 20 20.70 0.60 -23.95
N ARG L 21 21.65 1.46 -23.58
CA ARG L 21 21.71 2.03 -22.24
C ARG L 21 20.41 2.73 -21.90
N LYS L 23 17.24 2.27 -23.19
CA LYS L 23 16.08 1.41 -23.11
C LYS L 23 16.02 0.66 -21.78
N ILE L 24 17.16 0.54 -21.11
CA ILE L 24 17.21 -0.17 -19.82
C ILE L 24 17.01 0.78 -18.65
N LEU L 25 17.75 1.89 -18.61
CA LEU L 25 17.56 2.86 -17.53
C LEU L 25 16.17 3.47 -17.63
N CYS L 27 13.28 0.84 -19.23
CA CYS L 27 12.67 -0.24 -18.47
C CYS L 27 12.65 0.07 -16.97
N TRP L 28 13.80 0.47 -16.44
CA TRP L 28 14.00 0.58 -14.99
C TRP L 28 12.97 1.48 -14.31
N LEU M 2 -12.03 3.03 14.43
CA LEU M 2 -11.85 3.66 15.74
C LEU M 2 -13.06 4.47 16.21
N GLY M 3 -13.65 5.24 15.29
CA GLY M 3 -14.70 6.17 15.67
C GLY M 3 -15.79 5.54 16.50
N TRP M 4 -16.28 4.37 16.09
CA TRP M 4 -17.39 3.73 16.80
C TRP M 4 -16.94 3.17 18.14
N CYS M 5 -15.67 2.78 18.25
CA CYS M 5 -15.15 2.27 19.52
C CYS M 5 -15.12 3.37 20.57
N ILE M 6 -14.58 4.54 20.21
CA ILE M 6 -14.55 5.66 21.14
C ILE M 6 -15.96 6.05 21.55
N GLY M 7 -16.90 6.01 20.61
CA GLY M 7 -18.28 6.35 20.95
C GLY M 7 -18.87 5.39 21.95
N GLU M 8 -18.69 4.09 21.73
CA GLU M 8 -19.22 3.07 22.62
C GLU M 8 -18.74 3.30 24.04
N GLY M 10 -17.72 5.95 25.50
CA GLY M 10 -18.21 7.20 26.07
C GLY M 10 -19.62 7.11 26.60
N THR M 11 -20.34 6.08 26.18
CA THR M 11 -21.70 5.84 26.65
C THR M 11 -21.77 4.84 27.80
N ASP M 12 -20.68 4.16 28.11
CA ASP M 12 -20.69 3.20 29.20
C ASP M 12 -20.91 3.91 30.53
N PRO M 13 -21.98 3.60 31.29
CA PRO M 13 -22.19 4.28 32.56
C PRO M 13 -21.39 3.65 33.70
N ASN M 14 -21.30 2.33 33.71
CA ASN M 14 -20.48 1.61 34.70
C ASN M 14 -19.03 1.64 34.22
N LEU M 15 -18.37 2.76 34.50
CA LEU M 15 -16.99 2.95 34.07
C LEU M 15 -16.39 4.20 34.70
N ASN M 16 -15.21 4.07 35.30
CA ASN M 16 -14.53 5.23 35.86
C ASN M 16 -14.07 6.14 34.73
N HIS M 17 -13.46 7.26 35.10
CA HIS M 17 -12.73 8.07 34.14
C HIS M 17 -11.35 7.45 33.95
N GLN M 19 -11.05 4.22 33.90
CA GLN M 19 -11.37 3.07 33.05
C GLN M 19 -11.69 3.54 31.64
N PHE M 20 -12.52 4.59 31.55
CA PHE M 20 -12.80 5.19 30.25
C PHE M 20 -11.51 5.51 29.51
N ARG M 21 -10.58 6.17 30.18
CA ARG M 21 -9.28 6.48 29.60
C ARG M 21 -8.66 5.25 28.94
N LYS M 23 -9.58 2.37 28.03
CA LYS M 23 -10.30 1.71 26.93
C LYS M 23 -10.30 2.54 25.65
N ILE M 24 -9.92 3.81 25.75
CA ILE M 24 -9.82 4.65 24.57
C ILE M 24 -8.44 4.55 23.93
N LEU M 25 -7.39 4.54 24.75
CA LEU M 25 -6.03 4.43 24.25
C LEU M 25 -5.78 3.02 23.72
N CYS M 27 -9.12 1.15 22.25
CA CYS M 27 -9.67 1.52 20.95
C CYS M 27 -8.59 2.02 19.99
N TRP M 28 -7.73 2.91 20.50
CA TRP M 28 -6.77 3.61 19.64
C TRP M 28 -5.66 2.69 19.14
N LEU N 2 -3.01 -0.96 -17.75
CA LEU N 2 -2.40 -1.89 -18.69
C LEU N 2 -3.36 -2.28 -19.81
N GLY N 3 -4.60 -2.60 -19.44
CA GLY N 3 -5.61 -2.99 -20.41
C GLY N 3 -5.76 -2.02 -21.55
N TRP N 4 -6.13 -0.77 -21.24
CA TRP N 4 -6.33 0.22 -22.29
C TRP N 4 -5.07 0.43 -23.12
N CYS N 5 -3.90 0.19 -22.52
CA CYS N 5 -2.65 0.42 -23.24
C CYS N 5 -2.44 -0.63 -24.33
N ILE N 6 -2.56 -1.91 -23.97
CA ILE N 6 -2.38 -2.97 -24.96
C ILE N 6 -3.38 -2.81 -26.10
N GLY N 7 -4.62 -2.47 -25.77
CA GLY N 7 -5.63 -2.24 -26.79
C GLY N 7 -5.17 -1.19 -27.79
N GLU N 8 -4.84 -0.01 -27.29
CA GLU N 8 -4.37 1.09 -28.14
C GLU N 8 -3.21 0.62 -29.02
N GLY N 10 -2.41 -2.31 -30.07
CA GLY N 10 -2.84 -3.26 -31.08
C GLY N 10 -3.47 -2.64 -32.30
N THR N 11 -3.90 -1.38 -32.17
CA THR N 11 -4.60 -0.69 -33.25
C THR N 11 -3.68 0.15 -34.12
N ASP N 12 -2.49 0.51 -33.63
CA ASP N 12 -1.59 1.38 -34.37
C ASP N 12 -1.14 0.70 -35.67
N PRO N 13 -1.60 1.18 -36.83
CA PRO N 13 -1.29 0.48 -38.08
C PRO N 13 0.11 0.72 -38.63
N ASN N 14 0.84 1.71 -38.11
CA ASN N 14 2.21 1.94 -38.59
C ASN N 14 3.22 1.52 -37.54
N LEU N 15 3.06 0.31 -37.02
CA LEU N 15 3.89 -0.22 -35.95
C LEU N 15 4.54 -1.51 -36.44
N ASN N 16 5.87 -1.57 -36.37
CA ASN N 16 6.60 -2.75 -36.82
C ASN N 16 6.43 -3.90 -35.84
N HIS N 17 6.86 -5.08 -36.27
CA HIS N 17 6.88 -6.25 -35.40
C HIS N 17 7.69 -5.94 -34.14
N GLN N 19 8.55 -3.19 -32.98
CA GLN N 19 7.94 -2.08 -32.26
C GLN N 19 6.73 -2.51 -31.44
N PHE N 20 5.88 -3.37 -32.01
CA PHE N 20 4.71 -3.83 -31.29
C PHE N 20 5.11 -4.61 -30.05
N ARG N 21 6.13 -5.46 -30.15
CA ARG N 21 6.65 -6.17 -28.98
C ARG N 21 7.04 -5.16 -27.91
N LYS N 23 6.45 -2.08 -27.25
CA LYS N 23 5.43 -1.25 -26.61
C LYS N 23 4.46 -2.08 -25.77
N ILE N 24 4.38 -3.38 -26.05
CA ILE N 24 3.56 -4.25 -25.22
C ILE N 24 4.27 -4.58 -23.91
N LEU N 25 5.56 -4.91 -23.99
CA LEU N 25 6.34 -5.21 -22.79
C LEU N 25 6.64 -3.93 -22.02
N CYS N 27 3.89 -0.95 -22.09
CA CYS N 27 2.68 -0.98 -21.27
C CYS N 27 2.88 -1.79 -20.01
N TRP N 28 3.46 -2.97 -20.17
CA TRP N 28 3.54 -3.95 -19.09
C TRP N 28 4.50 -3.52 -17.98
N LEU O 2 13.55 7.72 -9.85
CA LEU O 2 13.47 9.01 -10.53
C LEU O 2 14.82 9.70 -10.58
N GLY O 3 15.54 9.68 -9.47
CA GLY O 3 16.84 10.32 -9.39
C GLY O 3 17.79 9.93 -10.49
N TRP O 4 18.04 8.62 -10.64
CA TRP O 4 18.96 8.16 -11.67
C TRP O 4 18.47 8.53 -13.06
N CYS O 5 17.15 8.62 -13.25
CA CYS O 5 16.62 8.93 -14.56
C CYS O 5 16.95 10.36 -14.97
N ILE O 6 16.65 11.33 -14.10
CA ILE O 6 16.96 12.72 -14.40
C ILE O 6 18.47 12.87 -14.62
N GLY O 7 19.28 12.19 -13.82
CA GLY O 7 20.72 12.25 -14.01
C GLY O 7 21.12 11.85 -15.41
N GLU O 8 20.67 10.68 -15.85
CA GLU O 8 20.98 10.18 -17.18
C GLU O 8 20.54 11.18 -18.25
N GLY O 10 20.10 14.42 -18.15
CA GLY O 10 20.89 15.64 -18.13
C GLY O 10 22.17 15.55 -18.92
N THR O 11 22.84 14.39 -18.85
CA THR O 11 24.12 14.20 -19.49
C THR O 11 24.02 13.96 -21.00
N ASP O 12 22.84 13.68 -21.51
CA ASP O 12 22.70 13.29 -22.92
C ASP O 12 22.75 14.53 -23.81
N PRO O 13 23.76 14.66 -24.68
CA PRO O 13 23.71 15.71 -25.70
C PRO O 13 22.85 15.27 -26.88
N ASN O 14 22.65 16.22 -27.80
CA ASN O 14 21.80 16.00 -28.97
C ASN O 14 20.33 16.12 -28.60
N LEU O 15 20.01 16.02 -27.31
CA LEU O 15 18.66 16.35 -26.85
C LEU O 15 18.48 17.87 -26.86
N ASN O 16 17.53 18.35 -27.66
CA ASN O 16 17.26 19.78 -27.73
C ASN O 16 16.37 20.19 -26.56
N HIS O 17 15.90 21.43 -26.60
CA HIS O 17 15.06 21.98 -25.54
C HIS O 17 13.80 21.14 -25.35
N GLN O 19 12.92 18.10 -26.15
CA GLN O 19 13.07 16.68 -25.81
C GLN O 19 13.64 16.49 -24.41
N PHE O 20 14.33 17.51 -23.90
CA PHE O 20 14.81 17.46 -22.53
C PHE O 20 13.65 17.59 -21.54
N ARG O 21 12.85 18.65 -21.68
CA ARG O 21 11.63 18.78 -20.89
C ARG O 21 10.87 17.45 -20.88
N LYS O 23 11.70 14.53 -21.30
CA LYS O 23 12.36 13.41 -20.65
C LYS O 23 12.31 13.49 -19.13
N ILE O 24 12.37 14.69 -18.54
CA ILE O 24 12.23 14.79 -17.09
C ILE O 24 10.77 14.62 -16.68
N LEU O 25 9.85 15.24 -17.40
CA LEU O 25 8.43 15.15 -17.07
C LEU O 25 7.93 13.73 -17.29
N CYS O 27 10.64 10.70 -17.01
CA CYS O 27 11.12 10.22 -15.72
C CYS O 27 10.08 10.39 -14.61
N TRP O 28 9.60 11.61 -14.45
CA TRP O 28 8.74 11.98 -13.33
C TRP O 28 7.45 11.16 -13.29
N LEU P 2 1.68 2.52 18.97
CA LEU P 2 2.32 1.71 20.00
C LEU P 2 2.93 2.55 21.12
N GLY P 3 3.73 3.54 20.75
CA GLY P 3 4.39 4.39 21.71
C GLY P 3 3.51 4.87 22.84
N TRP P 4 2.45 5.63 22.51
CA TRP P 4 1.55 6.12 23.55
C TRP P 4 0.99 4.99 24.40
N CYS P 5 0.79 3.81 23.79
CA CYS P 5 0.19 2.69 24.53
C CYS P 5 1.14 2.18 25.60
N ILE P 6 2.40 1.92 25.23
CA ILE P 6 3.37 1.44 26.20
C ILE P 6 3.56 2.45 27.33
N GLY P 7 3.62 3.74 26.97
CA GLY P 7 3.79 4.75 27.99
C GLY P 7 2.67 4.74 29.01
N GLU P 8 1.44 4.54 28.55
CA GLU P 8 0.29 4.43 29.45
C GLU P 8 0.46 3.24 30.37
N GLY P 10 3.05 1.69 31.44
CA GLY P 10 4.11 1.95 32.41
C GLY P 10 3.64 2.74 33.61
N THR P 11 2.75 3.70 33.37
CA THR P 11 2.29 4.56 34.47
C THR P 11 1.34 3.82 35.41
N ASP P 12 0.62 2.83 34.90
CA ASP P 12 -0.35 2.10 35.72
C ASP P 12 0.35 1.36 36.85
N PRO P 13 0.13 1.74 38.11
CA PRO P 13 0.80 1.07 39.23
C PRO P 13 0.04 -0.09 39.84
N ASN P 14 -1.13 -0.45 39.30
CA ASN P 14 -1.92 -1.57 39.80
C ASN P 14 -1.74 -2.83 38.96
N LEU P 15 -0.63 -2.94 38.23
CA LEU P 15 -0.36 -4.09 37.38
C LEU P 15 0.76 -4.92 37.96
N ASN P 16 0.52 -6.22 38.11
CA ASN P 16 1.58 -7.16 38.45
C ASN P 16 2.37 -7.46 37.17
N HIS P 17 3.31 -8.39 37.25
CA HIS P 17 4.18 -8.68 36.10
C HIS P 17 3.40 -9.44 35.02
N GLN P 19 0.43 -9.18 34.29
CA GLN P 19 -0.46 -8.21 33.67
C GLN P 19 0.32 -7.20 32.82
N PHE P 20 1.23 -6.46 33.46
CA PHE P 20 1.98 -5.44 32.74
C PHE P 20 2.69 -6.03 31.52
N ARG P 21 3.23 -7.23 31.65
CA ARG P 21 3.87 -7.91 30.54
C ARG P 21 2.87 -8.10 29.41
N LYS P 23 0.12 -6.35 28.70
CA LYS P 23 -0.33 -5.09 28.11
C LYS P 23 0.61 -4.63 27.01
N ILE P 24 1.91 -4.90 27.20
CA ILE P 24 2.90 -4.47 26.23
C ILE P 24 2.86 -5.35 24.98
N LEU P 25 2.91 -6.67 25.17
CA LEU P 25 2.89 -7.60 24.04
C LEU P 25 1.54 -7.52 23.31
N CYS P 27 -0.40 -3.93 23.46
CA CYS P 27 -0.04 -2.78 22.64
C CYS P 27 0.71 -3.21 21.38
N TRP P 28 1.73 -4.05 21.56
CA TRP P 28 2.59 -4.48 20.46
C TRP P 28 1.78 -5.12 19.34
#